data_8GXF
#
_entry.id   8GXF
#
_cell.length_a   43.889
_cell.length_b   99.013
_cell.length_c   98.822
_cell.angle_alpha   90.000
_cell.angle_beta   101.866
_cell.angle_gamma   90.000
#
_symmetry.space_group_name_H-M   'P 1 21 1'
#
loop_
_entity.id
_entity.type
_entity.pdbx_description
1 polymer 'GCN5 family acetyltransferase'
2 non-polymer 'COENZYME A'
3 water water
#
_entity_poly.entity_id   1
_entity_poly.type   'polypeptide(L)'
_entity_poly.pdbx_seq_one_letter_code
;MFKPQPVTLRRGALCLEPLAEADLVELLSLAEANRQSLIYMNGPLRPDWYRQGLAEQREGQAVIYAVRQDHALVGTTRFF
DFMPGLPAVEIGGTWLAEDRHGSGLNAAIKFLMLRQAFEQWEMVRVQLKTAASNLRAQRAIEKLGARREGQLRNHRRLAD
GRLDDSILYSITDRDWPEIRRTLETELSAAARP
;
_entity_poly.pdbx_strand_id   B,A,C,D
#
loop_
_chem_comp.id
_chem_comp.type
_chem_comp.name
_chem_comp.formula
COA non-polymer 'COENZYME A' 'C21 H36 N7 O16 P3 S'
#
# COMPACT_ATOMS: atom_id res chain seq x y z
N PHE A 2 5.83 -7.62 21.80
CA PHE A 2 6.94 -7.84 20.87
C PHE A 2 8.35 -7.74 21.49
N LYS A 3 9.20 -8.74 21.24
CA LYS A 3 10.61 -8.64 21.59
C LYS A 3 11.46 -9.31 20.52
N PRO A 4 12.70 -8.85 20.36
CA PRO A 4 13.61 -9.49 19.41
C PRO A 4 14.62 -10.38 20.12
N GLN A 5 14.38 -11.59 20.16
CA GLN A 5 15.38 -12.45 20.74
C GLN A 5 16.32 -13.01 19.67
N PRO A 6 17.58 -13.25 20.01
CA PRO A 6 18.53 -13.80 19.03
C PRO A 6 17.99 -15.04 18.33
N VAL A 7 18.18 -15.10 17.01
CA VAL A 7 17.80 -16.27 16.23
C VAL A 7 18.88 -16.60 15.21
N THR A 8 19.01 -17.88 14.92
CA THR A 8 19.94 -18.38 13.94
C THR A 8 19.14 -18.74 12.69
N LEU A 9 19.47 -18.12 11.56
CA LEU A 9 18.70 -18.32 10.32
C LEU A 9 19.52 -19.12 9.32
N ARG A 10 18.84 -19.95 8.54
CA ARG A 10 19.55 -21.00 7.80
C ARG A 10 18.76 -21.36 6.56
N ARG A 11 19.42 -21.29 5.41
CA ARG A 11 18.88 -21.80 4.15
C ARG A 11 20.01 -22.50 3.41
N GLY A 12 19.97 -23.83 3.38
CA GLY A 12 20.90 -24.56 2.54
C GLY A 12 22.32 -24.33 2.99
N ALA A 13 23.19 -23.96 2.05
CA ALA A 13 24.60 -23.78 2.37
C ALA A 13 24.85 -22.64 3.34
N LEU A 14 23.85 -21.77 3.57
CA LEU A 14 24.00 -20.52 4.29
C LEU A 14 23.49 -20.61 5.72
N CYS A 15 24.16 -19.89 6.62
CA CYS A 15 23.88 -19.92 8.04
C CYS A 15 24.05 -18.51 8.57
N LEU A 16 23.01 -17.96 9.18
CA LEU A 16 23.05 -16.65 9.83
C LEU A 16 22.95 -16.81 11.33
N GLU A 17 23.96 -16.40 12.04
CA GLU A 17 24.06 -16.54 13.44
C GLU A 17 24.46 -15.26 14.04
N PRO A 18 24.21 -15.11 15.40
CA PRO A 18 24.62 -13.84 16.02
C PRO A 18 26.08 -13.54 16.15
N LEU A 19 26.47 -12.29 16.07
CA LEU A 19 27.85 -11.91 16.16
C LEU A 19 28.27 -12.10 17.58
N ALA A 20 29.10 -13.10 17.87
CA ALA A 20 29.60 -13.37 19.18
C ALA A 20 30.87 -12.67 19.17
N GLU A 21 31.54 -12.59 20.31
CA GLU A 21 32.80 -11.92 20.48
C GLU A 21 33.77 -12.59 19.68
N ALA A 22 33.62 -13.87 19.64
CA ALA A 22 34.65 -14.71 19.12
C ALA A 22 34.91 -14.63 17.72
N ASP A 23 34.08 -13.94 16.99
CA ASP A 23 34.17 -13.89 15.59
C ASP A 23 34.84 -12.71 15.06
N LEU A 24 34.99 -11.67 15.84
CA LEU A 24 35.54 -10.42 15.39
C LEU A 24 36.86 -10.43 14.80
N VAL A 25 37.55 -11.47 15.07
CA VAL A 25 38.87 -11.65 14.59
C VAL A 25 38.80 -12.11 13.15
N GLU A 26 38.23 -13.28 12.92
CA GLU A 26 38.11 -13.84 11.58
C GLU A 26 37.26 -12.99 10.75
N LEU A 27 36.50 -12.09 11.37
CA LEU A 27 35.69 -11.12 10.64
C LEU A 27 36.51 -9.93 10.18
N LEU A 28 37.54 -9.58 10.95
CA LEU A 28 38.24 -8.32 10.70
C LEU A 28 39.16 -8.40 9.49
N SER A 29 40.27 -9.17 9.60
CA SER A 29 41.18 -9.26 8.46
C SER A 29 40.47 -9.68 7.18
N LEU A 30 39.35 -10.43 7.30
CA LEU A 30 38.49 -10.62 6.15
C LEU A 30 38.15 -9.28 5.52
N ALA A 31 37.64 -8.34 6.32
CA ALA A 31 37.35 -7.00 5.82
C ALA A 31 38.57 -6.37 5.16
N GLU A 32 39.77 -6.60 5.70
CA GLU A 32 40.97 -6.01 5.11
C GLU A 32 41.28 -6.58 3.74
N ALA A 33 40.87 -7.82 3.47
CA ALA A 33 40.99 -8.38 2.12
C ALA A 33 40.15 -7.60 1.12
N ASN A 34 39.04 -7.00 1.59
CA ASN A 34 38.06 -6.42 0.70
C ASN A 34 37.95 -4.91 0.87
N ARG A 35 39.02 -4.26 1.32
CA ARG A 35 39.05 -2.82 1.56
C ARG A 35 38.78 -2.02 0.29
N GLN A 36 38.51 -2.69 -0.81
CA GLN A 36 38.06 -1.97 -1.99
C GLN A 36 36.54 -1.88 -2.03
N SER A 37 35.85 -3.02 -1.92
CA SER A 37 34.39 -3.04 -1.97
C SER A 37 33.74 -2.45 -0.74
N LEU A 38 34.46 -2.14 0.30
CA LEU A 38 33.78 -1.65 1.47
C LEU A 38 34.22 -0.24 1.74
N ILE A 39 33.69 0.69 0.99
CA ILE A 39 34.11 2.06 1.07
C ILE A 39 32.98 3.04 1.14
N TYR A 40 31.79 2.52 1.30
CA TYR A 40 30.61 3.34 1.42
C TYR A 40 29.99 3.04 2.77
N MET A 41 30.76 2.46 3.67
CA MET A 41 30.25 2.18 4.97
C MET A 41 31.38 2.16 5.95
N ASN A 42 31.94 3.31 6.24
CA ASN A 42 33.06 3.38 7.16
C ASN A 42 32.75 2.67 8.39
N GLY A 43 33.60 1.74 8.79
CA GLY A 43 33.36 0.99 9.98
C GLY A 43 33.55 -0.39 9.45
N PRO A 44 34.81 -0.55 8.90
CA PRO A 44 35.07 -1.84 8.29
C PRO A 44 36.00 -2.77 8.95
N LEU A 45 37.22 -2.32 9.12
CA LEU A 45 38.30 -3.12 9.66
C LEU A 45 38.66 -2.69 11.03
N ARG A 46 38.10 -1.56 11.45
CA ARG A 46 38.38 -1.14 12.77
C ARG A 46 37.44 -2.04 13.52
N PRO A 47 38.01 -3.02 14.34
CA PRO A 47 37.07 -3.89 15.01
C PRO A 47 36.32 -3.31 16.19
N ASP A 48 36.31 -2.01 16.30
CA ASP A 48 35.58 -1.37 17.35
C ASP A 48 34.25 -1.40 16.72
N TRP A 49 34.20 -1.78 15.46
CA TRP A 49 32.89 -1.76 14.79
C TRP A 49 31.98 -2.90 15.24
N TYR A 50 32.50 -4.12 15.32
CA TYR A 50 31.64 -5.22 15.74
C TYR A 50 31.42 -5.23 17.25
N ARG A 51 32.28 -4.55 18.01
CA ARG A 51 32.01 -4.38 19.44
C ARG A 51 30.90 -3.37 19.65
N GLN A 52 30.98 -2.23 18.97
CA GLN A 52 29.79 -1.39 18.82
C GLN A 52 28.61 -2.27 18.43
N GLY A 53 28.79 -3.05 17.35
CA GLY A 53 27.87 -4.10 16.96
C GLY A 53 27.39 -4.95 18.11
N LEU A 54 28.30 -5.68 18.78
CA LEU A 54 27.87 -6.56 19.87
C LEU A 54 27.23 -5.77 21.02
N ALA A 55 27.70 -4.54 21.25
CA ALA A 55 27.15 -3.70 22.31
C ALA A 55 25.63 -3.57 22.15
N GLU A 56 25.22 -2.74 21.18
CA GLU A 56 23.84 -2.58 20.73
C GLU A 56 22.90 -3.71 21.14
N GLN A 57 23.33 -4.95 21.01
CA GLN A 57 22.46 -6.06 21.35
C GLN A 57 22.09 -6.04 22.83
N ARG A 58 23.08 -5.86 23.72
CA ARG A 58 22.80 -5.92 25.16
C ARG A 58 21.85 -4.81 25.57
N GLU A 59 21.98 -3.64 24.95
CA GLU A 59 20.95 -2.64 25.15
C GLU A 59 19.61 -3.10 24.61
N GLY A 60 19.61 -4.05 23.69
CA GLY A 60 18.41 -4.50 23.01
C GLY A 60 18.15 -3.81 21.70
N GLN A 61 19.14 -3.05 21.21
CA GLN A 61 18.94 -2.12 20.10
C GLN A 61 19.00 -2.82 18.75
N ALA A 62 19.98 -3.70 18.57
CA ALA A 62 20.14 -4.40 17.31
C ALA A 62 20.21 -5.90 17.58
N VAL A 63 20.17 -6.64 16.48
CA VAL A 63 20.40 -8.08 16.48
C VAL A 63 21.27 -8.35 15.25
N ILE A 64 22.49 -8.80 15.50
CA ILE A 64 23.58 -8.64 14.56
C ILE A 64 24.19 -10.00 14.24
N TYR A 65 24.54 -10.20 12.97
CA TYR A 65 24.67 -11.51 12.34
C TYR A 65 25.99 -11.68 11.62
N ALA A 66 26.54 -12.89 11.72
CA ALA A 66 27.65 -13.30 10.87
C ALA A 66 27.14 -14.23 9.76
N VAL A 67 27.54 -14.05 8.54
CA VAL A 67 27.09 -14.85 7.47
C VAL A 67 28.10 -15.87 7.16
N ARG A 68 27.68 -17.10 7.03
CA ARG A 68 28.53 -18.21 6.81
C ARG A 68 28.09 -19.32 5.88
N GLN A 69 29.04 -20.12 5.43
CA GLN A 69 28.88 -21.34 4.63
C GLN A 69 29.67 -22.52 5.34
N ASP A 70 29.38 -22.73 6.62
CA ASP A 70 30.02 -23.54 7.69
C ASP A 70 31.33 -22.92 7.93
N HIS A 71 31.29 -21.60 7.88
CA HIS A 71 32.32 -20.65 7.88
C HIS A 71 32.38 -20.75 6.38
N ALA A 72 33.21 -19.98 5.73
CA ALA A 72 34.09 -19.07 6.31
C ALA A 72 33.10 -17.99 6.45
N LEU A 73 33.36 -16.92 7.16
CA LEU A 73 32.46 -15.84 7.28
C LEU A 73 32.72 -15.23 6.00
N VAL A 74 31.73 -14.61 5.39
CA VAL A 74 31.90 -14.08 4.12
C VAL A 74 31.46 -12.71 4.30
N GLY A 75 30.83 -12.46 5.41
CA GLY A 75 30.42 -11.09 5.67
C GLY A 75 29.52 -11.05 6.89
N THR A 76 28.79 -9.94 7.01
CA THR A 76 27.96 -9.69 8.19
C THR A 76 26.75 -8.82 7.80
N THR A 77 25.61 -9.05 8.47
CA THR A 77 24.42 -8.21 8.36
C THR A 77 23.81 -8.01 9.74
N ARG A 78 22.77 -7.19 9.83
CA ARG A 78 22.12 -6.97 11.13
C ARG A 78 20.75 -6.32 10.95
N PHE A 79 19.79 -6.79 11.75
CA PHE A 79 18.58 -6.06 12.04
C PHE A 79 18.90 -4.94 13.01
N PHE A 80 18.10 -3.86 12.95
CA PHE A 80 18.18 -2.79 13.93
C PHE A 80 17.13 -1.73 13.64
N ASP A 81 17.09 -0.72 14.52
CA ASP A 81 16.09 0.36 14.54
C ASP A 81 14.71 -0.20 14.88
N PHE A 82 14.65 -0.95 15.99
CA PHE A 82 13.43 -1.65 16.37
C PHE A 82 12.35 -0.68 16.84
N MET A 83 11.14 -0.84 16.31
CA MET A 83 10.01 0.04 16.55
C MET A 83 8.81 -0.82 16.92
N PRO A 84 8.67 -1.25 18.14
CA PRO A 84 7.62 -2.18 18.49
C PRO A 84 6.19 -1.80 18.48
N GLY A 85 5.81 -0.57 18.26
CA GLY A 85 4.43 -0.21 18.24
C GLY A 85 3.93 -0.87 17.03
N LEU A 86 4.59 -0.59 15.94
CA LEU A 86 4.26 -1.15 14.66
C LEU A 86 3.98 -2.63 14.47
N PRO A 87 4.96 -3.63 14.44
CA PRO A 87 6.34 -3.25 14.61
C PRO A 87 7.09 -3.15 13.38
N ALA A 88 8.28 -2.60 13.38
CA ALA A 88 9.06 -2.49 12.15
C ALA A 88 10.55 -2.52 12.49
N VAL A 89 11.39 -2.73 11.47
CA VAL A 89 12.82 -2.83 11.64
C VAL A 89 13.51 -2.36 10.37
N GLU A 90 14.83 -2.29 10.46
CA GLU A 90 15.72 -2.05 9.34
C GLU A 90 16.50 -3.34 9.04
N ILE A 91 17.06 -3.40 7.85
CA ILE A 91 18.23 -4.22 7.60
C ILE A 91 19.34 -3.26 7.18
N GLY A 92 20.57 -3.65 7.40
CA GLY A 92 21.66 -2.75 7.11
C GLY A 92 22.92 -3.25 7.77
N GLY A 93 23.99 -2.53 7.49
CA GLY A 93 25.30 -2.96 7.95
C GLY A 93 25.59 -4.31 7.37
N THR A 94 25.41 -4.41 6.06
CA THR A 94 25.51 -5.66 5.34
C THR A 94 26.71 -5.54 4.40
N TRP A 95 27.66 -6.47 4.52
CA TRP A 95 28.78 -6.48 3.59
C TRP A 95 29.32 -7.89 3.48
N LEU A 96 30.05 -8.13 2.38
CA LEU A 96 30.39 -9.47 1.92
C LEU A 96 31.69 -9.42 1.16
N ALA A 97 32.57 -10.39 1.42
CA ALA A 97 33.78 -10.59 0.61
C ALA A 97 33.44 -10.52 -0.87
N GLU A 98 34.29 -9.81 -1.61
CA GLU A 98 33.95 -9.47 -2.99
C GLU A 98 33.56 -10.69 -3.81
N ASP A 99 34.03 -11.87 -3.40
CA ASP A 99 33.81 -13.10 -4.14
C ASP A 99 32.36 -13.52 -4.12
N ARG A 100 31.65 -13.03 -3.12
CA ARG A 100 30.25 -13.35 -2.86
C ARG A 100 29.27 -12.47 -3.59
N HIS A 101 29.78 -11.37 -4.09
CA HIS A 101 29.02 -10.42 -4.87
C HIS A 101 28.52 -11.11 -6.13
N GLY A 102 27.56 -10.49 -6.81
CA GLY A 102 27.08 -10.98 -8.08
C GLY A 102 26.52 -12.40 -8.04
N SER A 103 26.61 -13.03 -6.89
CA SER A 103 26.40 -14.46 -6.75
C SER A 103 25.06 -14.81 -6.15
N GLY A 104 24.24 -13.81 -5.83
CA GLY A 104 22.96 -14.04 -5.18
C GLY A 104 23.04 -14.38 -3.71
N LEU A 105 24.23 -14.32 -3.13
CA LEU A 105 24.33 -14.56 -1.70
C LEU A 105 23.49 -13.54 -0.96
N ASN A 106 23.62 -12.27 -1.33
CA ASN A 106 22.79 -11.21 -0.75
C ASN A 106 21.33 -11.60 -0.77
N ALA A 107 20.81 -11.94 -1.96
CA ALA A 107 19.42 -12.36 -2.12
C ALA A 107 19.03 -13.42 -1.11
N ALA A 108 19.85 -14.45 -0.97
CA ALA A 108 19.59 -15.47 0.06
C ALA A 108 19.52 -14.85 1.45
N ILE A 109 20.41 -13.90 1.75
CA ILE A 109 20.41 -13.27 3.08
C ILE A 109 19.12 -12.50 3.30
N LYS A 110 18.73 -11.69 2.31
CA LYS A 110 17.53 -10.88 2.47
C LYS A 110 16.29 -11.76 2.68
N PHE A 111 16.15 -12.82 1.89
CA PHE A 111 14.95 -13.66 1.98
C PHE A 111 14.79 -14.25 3.39
N LEU A 112 15.86 -14.81 3.95
CA LEU A 112 15.79 -15.37 5.30
C LEU A 112 15.46 -14.31 6.35
N MET A 113 15.95 -13.08 6.16
CA MET A 113 15.73 -12.05 7.17
C MET A 113 14.36 -11.40 7.06
N LEU A 114 13.85 -11.20 5.84
CA LEU A 114 12.51 -10.67 5.68
C LEU A 114 11.45 -11.68 6.08
N ARG A 115 11.60 -12.94 5.66
CA ARG A 115 10.67 -13.97 6.09
C ARG A 115 10.56 -14.02 7.59
N GLN A 116 11.70 -14.03 8.27
CA GLN A 116 11.73 -13.90 9.72
C GLN A 116 11.02 -12.64 10.19
N ALA A 117 11.28 -11.52 9.52
CA ALA A 117 10.76 -10.25 10.01
C ALA A 117 9.25 -10.17 9.84
N PHE A 118 8.76 -10.62 8.68
CA PHE A 118 7.34 -10.52 8.35
C PHE A 118 6.54 -11.67 8.94
N GLU A 119 6.96 -12.91 8.69
CA GLU A 119 6.15 -14.04 9.10
C GLU A 119 6.33 -14.39 10.57
N GLN A 120 7.42 -13.97 11.21
CA GLN A 120 7.66 -14.35 12.59
C GLN A 120 7.61 -13.16 13.54
N TRP A 121 8.32 -12.08 13.25
CA TRP A 121 8.18 -10.89 14.08
C TRP A 121 6.83 -10.23 13.86
N GLU A 122 6.13 -10.56 12.75
CA GLU A 122 4.80 -10.04 12.42
C GLU A 122 4.84 -8.52 12.22
N MET A 123 5.79 -8.08 11.41
CA MET A 123 6.07 -6.67 11.24
C MET A 123 5.38 -6.14 10.01
N VAL A 124 5.30 -4.81 9.95
CA VAL A 124 4.54 -4.11 8.92
C VAL A 124 5.42 -3.23 8.05
N ARG A 125 6.70 -3.09 8.37
CA ARG A 125 7.59 -2.22 7.61
C ARG A 125 9.03 -2.68 7.83
N VAL A 126 9.79 -2.82 6.75
CA VAL A 126 11.19 -3.19 6.90
C VAL A 126 12.03 -2.20 6.14
N GLN A 127 12.80 -1.40 6.86
CA GLN A 127 13.60 -0.34 6.30
C GLN A 127 14.89 -0.90 5.72
N LEU A 128 15.45 -0.16 4.75
CA LEU A 128 16.74 -0.46 4.15
C LEU A 128 17.29 0.81 3.52
N LYS A 129 18.39 1.32 4.04
CA LYS A 129 18.93 2.56 3.49
C LYS A 129 20.39 2.37 3.11
N THR A 130 20.77 2.98 1.99
CA THR A 130 22.17 3.04 1.56
C THR A 130 22.55 4.49 1.27
N ALA A 131 23.69 4.70 0.62
CA ALA A 131 24.17 6.04 0.34
C ALA A 131 23.78 6.45 -1.08
N ALA A 132 23.71 7.77 -1.29
CA ALA A 132 23.35 8.28 -2.61
C ALA A 132 24.37 7.88 -3.65
N SER A 133 25.60 7.62 -3.24
CA SER A 133 26.69 7.33 -4.15
C SER A 133 27.08 5.85 -4.16
N ASN A 134 26.33 5.01 -3.45
CA ASN A 134 26.61 3.58 -3.46
C ASN A 134 25.66 2.89 -4.43
N LEU A 135 25.95 3.06 -5.72
CA LEU A 135 25.05 2.57 -6.76
C LEU A 135 24.92 1.05 -6.72
N ARG A 136 25.99 0.36 -6.37
CA ARG A 136 25.92 -1.08 -6.17
C ARG A 136 24.84 -1.43 -5.14
N ALA A 137 24.95 -0.86 -3.93
CA ALA A 137 23.95 -1.13 -2.91
C ALA A 137 22.57 -0.73 -3.38
N GLN A 138 22.48 0.38 -4.11
CA GLN A 138 21.19 0.87 -4.59
C GLN A 138 20.48 -0.13 -5.48
N ARG A 139 21.16 -0.63 -6.53
CA ARG A 139 20.48 -1.58 -7.42
C ARG A 139 20.11 -2.85 -6.66
N ALA A 140 21.02 -3.35 -5.82
CA ALA A 140 20.73 -4.55 -5.04
C ALA A 140 19.36 -4.45 -4.38
N ILE A 141 19.21 -3.47 -3.51
CA ILE A 141 17.90 -3.19 -2.91
C ILE A 141 16.82 -3.09 -3.98
N GLU A 142 17.09 -2.51 -5.12
CA GLU A 142 16.06 -2.42 -6.09
C GLU A 142 15.82 -3.68 -6.86
N LYS A 143 16.73 -4.65 -6.80
CA LYS A 143 16.62 -5.93 -7.42
C LYS A 143 15.73 -6.68 -6.41
N LEU A 144 15.79 -6.32 -5.13
CA LEU A 144 14.94 -6.86 -4.08
C LEU A 144 13.48 -6.44 -4.19
N GLY A 145 13.18 -5.42 -5.01
CA GLY A 145 11.80 -4.96 -5.13
C GLY A 145 11.34 -4.02 -4.05
N ALA A 146 12.23 -3.21 -3.48
CA ALA A 146 11.87 -2.35 -2.37
C ALA A 146 11.61 -0.93 -2.87
N ARG A 147 10.46 -0.35 -2.47
CA ARG A 147 10.06 0.98 -2.94
C ARG A 147 11.01 2.05 -2.43
N ARG A 148 11.44 2.93 -3.33
CA ARG A 148 12.36 4.01 -3.02
C ARG A 148 11.57 5.19 -2.49
N GLU A 149 11.49 5.31 -1.16
CA GLU A 149 10.70 6.37 -0.59
C GLU A 149 11.35 7.75 -0.75
N GLY A 150 12.66 7.84 -0.89
CA GLY A 150 13.29 9.13 -1.12
C GLY A 150 14.73 9.17 -0.63
N GLN A 151 15.41 10.26 -1.01
CA GLN A 151 16.76 10.49 -0.52
C GLN A 151 16.72 11.57 0.57
N LEU A 152 17.56 11.40 1.55
CA LEU A 152 17.56 12.27 2.70
C LEU A 152 18.86 13.06 2.61
N ARG A 153 18.74 14.33 2.28
CA ARG A 153 19.91 15.16 2.04
C ARG A 153 20.72 15.32 3.32
N ASN A 154 22.06 15.31 3.19
CA ASN A 154 23.00 15.53 4.29
C ASN A 154 22.75 14.59 5.47
N HIS A 155 22.70 13.29 5.17
CA HIS A 155 22.30 12.26 6.10
C HIS A 155 23.46 11.40 6.60
N ARG A 156 24.58 11.39 5.89
CA ARG A 156 25.72 10.55 6.27
C ARG A 156 27.02 11.21 5.85
N ARG A 157 28.11 10.75 6.45
CA ARG A 157 29.46 11.07 5.99
C ARG A 157 30.17 9.78 5.61
N LEU A 158 30.89 9.81 4.50
CA LEU A 158 31.54 8.62 3.97
C LEU A 158 32.85 8.36 4.72
N ALA A 159 33.58 7.29 4.30
CA ALA A 159 34.91 6.93 4.84
C ALA A 159 35.94 7.99 4.59
N ASP A 160 35.50 9.14 4.08
CA ASP A 160 36.32 10.32 3.88
C ASP A 160 35.85 11.48 4.76
N GLY A 161 34.76 11.31 5.50
CA GLY A 161 34.24 12.38 6.33
C GLY A 161 33.56 13.50 5.57
N ARG A 162 33.12 13.24 4.34
CA ARG A 162 32.41 14.20 3.54
C ARG A 162 30.93 13.80 3.46
N LEU A 163 30.05 14.78 3.29
CA LEU A 163 28.61 14.53 3.37
C LEU A 163 28.14 13.69 2.20
N ASP A 164 27.07 12.93 2.43
CA ASP A 164 26.34 12.31 1.34
C ASP A 164 24.89 12.18 1.73
N ASP A 165 24.02 12.28 0.74
CA ASP A 165 22.62 11.97 0.95
C ASP A 165 22.42 10.46 1.03
N SER A 166 21.27 10.05 1.57
CA SER A 166 20.96 8.64 1.75
C SER A 166 19.66 8.27 1.05
N ILE A 167 19.68 7.14 0.36
CA ILE A 167 18.42 6.62 -0.15
C ILE A 167 17.77 5.81 0.95
N LEU A 168 16.46 5.59 0.82
CA LEU A 168 15.62 4.95 1.81
C LEU A 168 14.56 4.13 1.09
N TYR A 169 14.46 2.85 1.43
CA TYR A 169 13.49 1.96 0.82
C TYR A 169 12.63 1.30 1.90
N SER A 170 11.50 0.74 1.47
CA SER A 170 10.64 0.00 2.40
C SER A 170 9.96 -1.16 1.68
N ILE A 171 9.50 -2.10 2.50
CA ILE A 171 8.71 -3.24 2.06
C ILE A 171 7.63 -3.43 3.12
N THR A 172 6.38 -3.15 2.77
CA THR A 172 5.37 -3.23 3.80
C THR A 172 4.98 -4.69 4.07
N ASP A 173 4.09 -4.87 5.04
CA ASP A 173 3.51 -6.19 5.27
C ASP A 173 2.74 -6.66 4.05
N ARG A 174 2.05 -5.74 3.35
CA ARG A 174 1.35 -6.19 2.16
C ARG A 174 2.35 -6.63 1.10
N ASP A 175 3.45 -5.90 0.99
CA ASP A 175 4.43 -6.15 -0.08
C ASP A 175 5.04 -7.54 -0.01
N TRP A 176 5.02 -8.17 1.17
CA TRP A 176 5.89 -9.31 1.43
C TRP A 176 5.62 -10.52 0.54
N PRO A 177 4.38 -10.98 0.33
CA PRO A 177 4.19 -12.08 -0.61
C PRO A 177 4.79 -11.82 -1.97
N GLU A 178 4.53 -10.66 -2.55
CA GLU A 178 5.04 -10.40 -3.88
C GLU A 178 6.51 -10.06 -3.88
N ILE A 179 7.08 -9.75 -2.72
CA ILE A 179 8.53 -9.72 -2.57
C ILE A 179 9.08 -11.11 -2.39
N ARG A 180 8.56 -11.84 -1.38
CA ARG A 180 9.03 -13.18 -1.08
C ARG A 180 9.12 -14.02 -2.32
N ARG A 181 8.16 -13.86 -3.23
CA ARG A 181 8.05 -14.79 -4.32
C ARG A 181 8.91 -14.43 -5.51
N THR A 182 9.41 -13.22 -5.62
CA THR A 182 10.39 -13.01 -6.67
C THR A 182 11.80 -13.42 -6.23
N LEU A 183 12.05 -13.43 -4.94
CA LEU A 183 13.24 -14.13 -4.46
C LEU A 183 13.09 -15.62 -4.70
N GLU A 184 11.95 -16.20 -4.33
CA GLU A 184 11.76 -17.62 -4.57
C GLU A 184 11.82 -17.93 -6.06
N THR A 185 12.18 -16.92 -6.87
CA THR A 185 12.28 -17.02 -8.31
C THR A 185 13.71 -17.23 -8.80
N GLU A 186 14.61 -16.25 -8.58
CA GLU A 186 16.03 -16.48 -8.84
C GLU A 186 16.57 -17.63 -8.01
N LEU A 187 16.05 -17.81 -6.78
CA LEU A 187 16.46 -18.97 -6.01
C LEU A 187 16.19 -20.25 -6.80
N SER A 188 15.15 -20.26 -7.65
CA SER A 188 14.97 -21.27 -8.71
C SER A 188 15.38 -20.66 -10.02
N PHE B 2 28.46 19.85 18.50
CA PHE B 2 27.38 20.38 19.32
C PHE B 2 27.24 19.59 20.64
N LYS B 3 26.66 20.22 21.67
CA LYS B 3 26.19 19.47 22.83
C LYS B 3 24.74 19.86 23.07
N PRO B 4 23.86 18.90 23.23
CA PRO B 4 22.43 19.20 23.32
C PRO B 4 22.05 19.69 24.72
N GLN B 5 22.52 20.88 25.07
CA GLN B 5 22.25 21.32 26.44
C GLN B 5 20.92 22.03 26.52
N PRO B 6 20.20 21.81 27.61
CA PRO B 6 19.00 22.60 27.87
C PRO B 6 19.26 24.06 27.56
N VAL B 7 18.32 24.68 26.85
CA VAL B 7 18.45 26.10 26.52
C VAL B 7 17.07 26.74 26.49
N THR B 8 16.99 27.97 26.99
CA THR B 8 15.78 28.77 26.93
C THR B 8 15.89 29.73 25.75
N LEU B 9 14.95 29.60 24.80
CA LEU B 9 14.82 30.54 23.70
C LEU B 9 13.55 31.37 23.91
N ARG B 10 13.59 32.64 23.56
CA ARG B 10 12.46 33.51 23.71
C ARG B 10 12.31 34.49 22.64
N ARG B 11 11.10 34.88 22.37
CA ARG B 11 10.77 35.87 21.33
C ARG B 11 9.47 36.57 21.71
N GLY B 12 9.61 37.70 22.40
CA GLY B 12 8.42 38.50 22.71
C GLY B 12 7.62 37.94 23.85
N ALA B 13 6.34 37.69 23.61
CA ALA B 13 5.49 37.09 24.61
C ALA B 13 5.62 35.59 24.63
N LEU B 14 6.62 35.04 23.94
CA LEU B 14 6.77 33.61 23.67
C LEU B 14 8.10 33.10 24.22
N CYS B 15 8.03 32.19 25.18
CA CYS B 15 9.19 31.70 25.89
C CYS B 15 9.12 30.18 25.84
N LEU B 16 9.97 29.54 25.08
CA LEU B 16 10.08 28.11 25.10
C LEU B 16 11.16 27.83 26.13
N GLU B 17 10.87 27.05 27.14
CA GLU B 17 11.77 26.79 28.21
C GLU B 17 11.70 25.36 28.47
N PRO B 18 12.83 24.80 29.04
CA PRO B 18 12.78 23.38 29.27
C PRO B 18 11.54 22.83 29.93
N LEU B 19 11.42 21.52 29.86
CA LEU B 19 10.37 20.72 30.40
C LEU B 19 10.88 20.21 31.68
N ALA B 20 10.03 20.29 32.68
CA ALA B 20 10.38 19.91 33.98
C ALA B 20 9.30 19.01 34.31
N GLU B 21 9.43 18.26 35.36
CA GLU B 21 8.41 17.28 35.71
C GLU B 21 7.15 17.94 36.27
N ALA B 22 7.25 19.16 36.81
CA ALA B 22 6.07 19.86 37.31
C ALA B 22 5.16 20.40 36.21
N ASP B 23 5.66 20.57 35.00
CA ASP B 23 4.81 20.99 33.89
C ASP B 23 3.88 19.86 33.43
N LEU B 24 4.29 18.60 33.63
CA LEU B 24 3.64 17.47 32.98
C LEU B 24 2.19 17.36 33.37
N VAL B 25 1.86 17.75 34.59
CA VAL B 25 0.48 17.67 35.04
C VAL B 25 -0.38 18.72 34.32
N GLU B 26 0.19 19.89 34.03
CA GLU B 26 -0.57 20.89 33.30
C GLU B 26 -0.64 20.56 31.82
N LEU B 27 0.31 19.77 31.33
CA LEU B 27 0.37 19.42 29.91
C LEU B 27 -0.58 18.29 29.56
N LEU B 28 -0.76 17.31 30.45
CA LEU B 28 -1.79 16.32 30.19
C LEU B 28 -3.18 16.96 30.19
N SER B 29 -3.42 17.85 31.15
CA SER B 29 -4.67 18.61 31.20
C SER B 29 -4.92 19.34 29.89
N LEU B 30 -4.03 20.28 29.54
CA LEU B 30 -4.17 21.05 28.31
C LEU B 30 -4.38 20.17 27.09
N ALA B 31 -3.82 18.95 27.12
CA ALA B 31 -3.94 18.06 25.97
C ALA B 31 -5.33 17.47 25.88
N GLU B 32 -5.92 17.08 27.01
CA GLU B 32 -7.27 16.52 26.97
C GLU B 32 -8.27 17.57 26.53
N ALA B 33 -7.99 18.85 26.79
CA ALA B 33 -8.78 19.93 26.22
C ALA B 33 -8.82 19.81 24.70
N ASN B 34 -7.66 19.91 24.04
CA ASN B 34 -7.54 19.80 22.59
C ASN B 34 -7.43 18.36 22.11
N ARG B 35 -8.04 17.46 22.81
CA ARG B 35 -8.08 16.06 22.48
C ARG B 35 -8.40 15.78 21.05
N GLN B 36 -9.23 16.58 20.40
CA GLN B 36 -9.60 16.34 19.01
C GLN B 36 -8.56 16.92 18.05
N SER B 37 -8.02 18.04 18.36
CA SER B 37 -7.04 18.63 17.47
C SER B 37 -5.68 17.93 17.53
N LEU B 38 -5.57 16.80 18.26
CA LEU B 38 -4.29 16.13 18.42
C LEU B 38 -4.33 14.66 18.00
N ILE B 39 -5.37 14.23 17.27
CA ILE B 39 -5.57 12.81 17.03
C ILE B 39 -4.48 12.18 16.15
N TYR B 40 -3.76 12.98 15.34
CA TYR B 40 -2.70 12.48 14.47
C TYR B 40 -1.36 12.34 15.19
N MET B 41 -1.35 12.20 16.52
CA MET B 41 -0.11 12.06 17.28
C MET B 41 -0.28 10.98 18.33
N ASN B 42 0.71 10.09 18.40
CA ASN B 42 0.82 9.10 19.45
C ASN B 42 1.52 9.74 20.64
N GLY B 43 1.05 9.43 21.84
CA GLY B 43 1.69 9.97 23.04
C GLY B 43 0.90 10.99 23.84
N PRO B 44 0.32 12.03 23.20
CA PRO B 44 0.13 13.31 23.92
C PRO B 44 -0.86 13.29 25.09
N LEU B 45 -1.84 12.38 25.14
CA LEU B 45 -2.75 12.32 26.28
C LEU B 45 -2.26 11.34 27.35
N ARG B 46 -1.02 10.91 27.27
CA ARG B 46 -0.41 10.00 28.23
C ARG B 46 0.72 10.73 28.94
N PRO B 47 0.56 11.08 30.22
CA PRO B 47 1.58 11.89 30.89
C PRO B 47 2.97 11.34 30.67
N ASP B 48 3.13 10.02 30.71
CA ASP B 48 4.47 9.48 30.63
C ASP B 48 5.08 9.65 29.24
N TRP B 49 4.32 10.07 28.22
CA TRP B 49 5.03 10.41 27.00
C TRP B 49 5.88 11.68 27.15
N TYR B 50 5.50 12.57 28.07
CA TYR B 50 6.32 13.73 28.43
C TYR B 50 7.51 13.33 29.31
N ARG B 51 7.23 12.70 30.47
CA ARG B 51 8.24 12.07 31.30
C ARG B 51 9.33 11.42 30.46
N GLN B 52 8.93 10.77 29.36
CA GLN B 52 9.88 10.06 28.52
C GLN B 52 10.92 11.01 27.91
N GLY B 53 10.50 12.23 27.54
CA GLY B 53 11.46 13.19 27.02
C GLY B 53 12.33 13.79 28.10
N LEU B 54 11.74 14.04 29.26
CA LEU B 54 12.54 14.43 30.42
C LEU B 54 13.63 13.41 30.70
N ALA B 55 13.28 12.12 30.62
CA ALA B 55 14.25 11.09 30.94
C ALA B 55 15.38 11.06 29.92
N GLU B 56 15.04 11.04 28.64
CA GLU B 56 16.06 11.13 27.59
C GLU B 56 16.76 12.48 27.55
N GLN B 57 16.32 13.46 28.34
CA GLN B 57 17.08 14.69 28.51
C GLN B 57 18.43 14.40 29.16
N ARG B 58 18.43 13.48 30.12
CA ARG B 58 19.64 13.09 30.82
C ARG B 58 20.47 12.07 30.03
N GLU B 59 19.83 11.32 29.14
CA GLU B 59 20.53 10.39 28.28
C GLU B 59 21.07 11.04 27.04
N GLY B 60 20.78 12.33 26.85
CA GLY B 60 21.27 13.10 25.73
C GLY B 60 20.52 12.91 24.42
N GLN B 61 19.39 12.22 24.45
CA GLN B 61 18.68 11.88 23.22
C GLN B 61 17.59 12.88 22.85
N ALA B 62 17.23 13.80 23.74
CA ALA B 62 16.26 14.83 23.40
C ALA B 62 16.36 16.02 24.35
N VAL B 63 16.28 17.22 23.79
CA VAL B 63 15.99 18.44 24.55
C VAL B 63 14.54 18.80 24.32
N ILE B 64 13.81 19.13 25.37
CA ILE B 64 12.36 19.00 25.35
C ILE B 64 11.72 20.23 25.98
N TYR B 65 10.83 20.89 25.23
CA TYR B 65 10.40 22.26 25.55
C TYR B 65 8.91 22.39 25.86
N ALA B 66 8.60 23.07 26.96
CA ALA B 66 7.25 23.53 27.23
C ALA B 66 7.08 24.94 26.65
N VAL B 67 6.04 25.13 25.83
CA VAL B 67 5.81 26.41 25.16
C VAL B 67 4.85 27.26 25.99
N ARG B 68 5.26 28.46 26.32
CA ARG B 68 4.50 29.33 27.14
C ARG B 68 4.25 30.63 26.47
N GLN B 69 3.14 31.24 26.79
CA GLN B 69 2.79 32.50 26.25
C GLN B 69 2.67 33.43 27.38
N ASP B 70 3.80 34.01 27.66
CA ASP B 70 4.07 34.89 28.76
C ASP B 70 4.00 33.98 29.85
N HIS B 71 2.80 33.79 30.35
CA HIS B 71 2.64 33.01 31.52
C HIS B 71 1.88 31.73 31.48
N ALA B 72 1.08 31.50 30.46
CA ALA B 72 0.26 30.34 30.43
C ALA B 72 0.96 29.33 29.73
N LEU B 73 0.91 28.15 30.29
CA LEU B 73 1.52 27.00 29.63
C LEU B 73 0.68 26.65 28.42
N VAL B 74 1.17 26.98 27.24
CA VAL B 74 0.34 26.93 26.05
C VAL B 74 0.63 25.73 25.14
N GLY B 75 1.79 25.10 25.23
CA GLY B 75 2.04 23.89 24.45
C GLY B 75 3.35 23.21 24.78
N THR B 76 3.75 22.32 23.88
CA THR B 76 5.06 21.68 23.90
C THR B 76 5.59 21.53 22.49
N THR B 77 6.90 21.34 22.38
CA THR B 77 7.61 21.07 21.13
C THR B 77 9.02 20.67 21.53
N ARG B 78 9.57 19.66 20.91
CA ARG B 78 10.83 19.08 21.26
C ARG B 78 11.85 18.91 20.15
N PHE B 79 13.05 18.50 20.52
CA PHE B 79 14.17 18.21 19.65
C PHE B 79 14.48 16.80 19.87
N PHE B 80 14.87 16.06 18.85
CA PHE B 80 15.31 14.70 19.00
C PHE B 80 16.04 14.13 17.85
N ASP B 81 16.19 12.84 17.82
CA ASP B 81 16.91 12.16 16.78
C ASP B 81 18.17 12.81 16.44
N PHE B 82 19.01 12.88 17.42
CA PHE B 82 20.26 13.51 17.27
C PHE B 82 21.24 12.62 16.65
N MET B 83 21.81 13.07 15.57
CA MET B 83 22.91 12.39 14.93
C MET B 83 24.15 13.26 15.06
N PRO B 84 25.09 12.90 15.88
CA PRO B 84 26.19 13.82 16.17
C PRO B 84 27.26 13.79 15.10
N GLY B 85 27.54 12.59 14.57
CA GLY B 85 28.63 12.41 13.62
C GLY B 85 28.60 13.34 12.42
N LEU B 86 27.52 14.11 12.28
CA LEU B 86 27.29 14.92 11.10
C LEU B 86 27.48 16.40 11.39
N PRO B 87 26.76 16.99 12.37
CA PRO B 87 25.61 16.51 13.15
C PRO B 87 24.29 16.96 12.52
N ALA B 88 23.19 16.45 13.08
CA ALA B 88 21.88 16.72 12.54
C ALA B 88 20.85 16.27 13.55
N VAL B 89 19.63 16.80 13.41
CA VAL B 89 18.64 16.77 14.47
C VAL B 89 17.25 16.55 13.89
N GLU B 90 16.31 16.22 14.76
CA GLU B 90 14.90 16.33 14.44
C GLU B 90 14.27 17.44 15.27
N ILE B 91 13.17 18.00 14.75
CA ILE B 91 12.24 18.82 15.50
C ILE B 91 10.88 18.14 15.40
N GLY B 92 10.11 18.21 16.48
CA GLY B 92 8.84 17.50 16.49
C GLY B 92 8.22 17.57 17.85
N GLY B 93 7.23 16.71 18.08
CA GLY B 93 6.56 16.68 19.36
C GLY B 93 5.87 18.01 19.55
N THR B 94 5.80 18.80 18.47
CA THR B 94 5.13 20.08 18.53
C THR B 94 3.63 19.87 18.65
N TRP B 95 3.03 20.54 19.62
CA TRP B 95 1.61 20.79 19.57
C TRP B 95 1.30 22.00 20.43
N LEU B 96 0.45 22.87 19.89
CA LEU B 96 -0.09 24.02 20.58
C LEU B 96 -1.59 23.84 20.72
N ALA B 97 -2.13 24.32 21.84
CA ALA B 97 -3.57 24.39 22.03
C ALA B 97 -4.20 25.06 20.82
N GLU B 98 -5.31 24.47 20.37
CA GLU B 98 -6.12 24.96 19.26
C GLU B 98 -6.10 26.47 19.07
N ASP B 99 -6.22 27.20 20.17
CA ASP B 99 -6.51 28.62 20.11
C ASP B 99 -5.38 29.41 19.49
N ARG B 100 -4.18 28.84 19.43
CA ARG B 100 -3.06 29.59 18.88
C ARG B 100 -2.66 29.07 17.51
N HIS B 101 -3.55 28.31 16.86
CA HIS B 101 -3.29 27.86 15.50
C HIS B 101 -3.51 29.03 14.53
N GLY B 102 -2.61 29.13 13.55
CA GLY B 102 -2.73 30.16 12.55
C GLY B 102 -2.63 31.54 13.12
N SER B 103 -2.46 31.64 14.45
CA SER B 103 -2.25 32.91 15.13
C SER B 103 -0.77 33.30 15.21
N GLY B 104 0.05 32.63 14.45
CA GLY B 104 1.44 32.94 14.24
C GLY B 104 2.53 32.61 15.16
N LEU B 105 2.24 31.79 16.12
CA LEU B 105 3.16 31.38 17.11
C LEU B 105 4.15 30.30 16.73
N ASN B 106 3.78 29.42 15.81
CA ASN B 106 4.59 28.33 15.36
C ASN B 106 5.73 28.82 14.61
N ALA B 107 5.52 29.73 13.71
CA ALA B 107 6.57 30.25 12.90
C ALA B 107 7.65 30.71 13.72
N ALA B 108 7.30 31.18 14.89
CA ALA B 108 8.24 31.73 15.83
C ALA B 108 8.83 30.69 16.66
N ILE B 109 8.11 29.63 16.94
CA ILE B 109 8.63 28.53 17.70
C ILE B 109 9.55 27.76 16.79
N LYS B 110 9.47 27.96 15.49
CA LYS B 110 10.31 27.24 14.53
C LYS B 110 11.62 27.94 14.19
N PHE B 111 11.58 29.23 14.01
CA PHE B 111 12.71 30.07 13.72
C PHE B 111 13.65 29.96 14.84
N LEU B 112 13.10 29.94 16.03
CA LEU B 112 13.86 29.92 17.21
C LEU B 112 14.67 28.76 17.33
N MET B 113 14.12 27.62 17.08
CA MET B 113 14.83 26.38 17.19
C MET B 113 15.72 26.17 16.05
N LEU B 114 15.24 26.45 14.87
CA LEU B 114 16.04 26.28 13.67
C LEU B 114 17.22 27.16 13.72
N ARG B 115 17.10 28.34 14.24
CA ARG B 115 18.21 29.24 14.33
C ARG B 115 19.14 28.80 15.38
N GLN B 116 18.71 27.93 16.25
CA GLN B 116 19.52 27.47 17.32
C GLN B 116 20.15 26.27 16.78
N ALA B 117 19.39 25.45 16.12
CA ALA B 117 19.94 24.20 15.62
C ALA B 117 20.95 24.45 14.50
N PHE B 118 20.86 25.57 13.79
CA PHE B 118 21.69 25.79 12.61
C PHE B 118 22.83 26.79 12.81
N GLU B 119 22.62 27.83 13.62
CA GLU B 119 23.70 28.77 13.86
C GLU B 119 24.52 28.42 15.10
N GLN B 120 23.86 28.15 16.22
CA GLN B 120 24.59 27.70 17.39
C GLN B 120 25.14 26.31 17.15
N TRP B 121 24.25 25.34 16.92
CA TRP B 121 24.67 23.95 16.81
C TRP B 121 25.47 23.63 15.55
N GLU B 122 25.60 24.56 14.61
CA GLU B 122 26.32 24.33 13.37
C GLU B 122 25.92 22.96 12.81
N MET B 123 24.62 22.75 12.74
CA MET B 123 24.12 21.53 12.19
C MET B 123 24.07 21.62 10.70
N VAL B 124 23.96 20.47 10.07
CA VAL B 124 23.95 20.37 8.63
C VAL B 124 22.61 19.88 8.10
N ARG B 125 21.76 19.30 8.96
CA ARG B 125 20.49 18.70 8.54
C ARG B 125 19.52 18.78 9.70
N VAL B 126 18.36 19.38 9.45
CA VAL B 126 17.25 19.32 10.38
C VAL B 126 16.10 18.62 9.66
N GLN B 127 15.55 17.59 10.30
CA GLN B 127 14.47 16.83 9.70
C GLN B 127 13.22 16.96 10.54
N LEU B 128 12.07 16.95 9.89
CA LEU B 128 10.78 16.86 10.55
C LEU B 128 9.94 15.81 9.84
N LYS B 129 9.03 15.19 10.59
CA LYS B 129 8.09 14.26 9.98
C LYS B 129 6.73 14.42 10.64
N THR B 130 5.67 14.57 9.82
CA THR B 130 4.31 14.43 10.31
C THR B 130 3.53 13.39 9.52
N ALA B 131 2.30 13.18 9.97
CA ALA B 131 1.50 12.08 9.48
C ALA B 131 0.93 12.37 8.10
N ALA B 132 0.95 11.35 7.25
CA ALA B 132 0.30 11.43 5.95
C ALA B 132 -1.16 11.88 6.08
N SER B 133 -1.87 11.38 7.07
CA SER B 133 -3.22 11.85 7.30
C SER B 133 -3.28 13.23 7.91
N ASN B 134 -2.13 13.82 8.27
CA ASN B 134 -2.12 15.07 9.00
C ASN B 134 -1.86 16.22 8.03
N LEU B 135 -2.94 16.89 7.63
CA LEU B 135 -2.86 17.88 6.57
C LEU B 135 -2.47 19.29 7.03
N ARG B 136 -2.89 19.74 8.22
CA ARG B 136 -2.41 21.03 8.70
C ARG B 136 -0.90 21.04 8.86
N ALA B 137 -0.37 20.15 9.70
CA ALA B 137 1.06 19.90 9.86
C ALA B 137 1.82 19.92 8.55
N GLN B 138 1.27 19.26 7.53
CA GLN B 138 1.99 19.21 6.26
C GLN B 138 2.05 20.58 5.58
N ARG B 139 1.02 21.41 5.74
CA ARG B 139 1.13 22.75 5.19
C ARG B 139 2.09 23.57 6.00
N ALA B 140 2.04 23.41 7.33
CA ALA B 140 2.85 24.21 8.23
C ALA B 140 4.34 23.98 8.01
N ILE B 141 4.74 22.73 7.79
CA ILE B 141 6.13 22.48 7.48
C ILE B 141 6.49 23.04 6.12
N GLU B 142 5.59 22.90 5.14
CA GLU B 142 5.87 23.46 3.82
C GLU B 142 6.02 24.98 3.86
N LYS B 143 5.42 25.63 4.82
CA LYS B 143 5.53 27.05 5.00
C LYS B 143 6.86 27.45 5.56
N LEU B 144 7.60 26.54 6.18
CA LEU B 144 8.95 26.79 6.68
C LEU B 144 9.92 26.98 5.53
N GLY B 145 9.84 26.10 4.53
CA GLY B 145 10.81 26.05 3.45
C GLY B 145 11.44 24.68 3.34
N ALA B 146 10.88 23.70 4.04
CA ALA B 146 11.43 22.36 4.05
C ALA B 146 11.11 21.61 2.77
N ARG B 147 12.01 20.72 2.37
CA ARG B 147 11.78 19.90 1.19
C ARG B 147 11.14 18.60 1.63
N ARG B 148 10.07 18.22 0.95
CA ARG B 148 9.36 16.97 1.17
C ARG B 148 10.23 15.82 0.66
N GLU B 149 10.83 15.07 1.57
CA GLU B 149 11.72 14.03 1.06
C GLU B 149 10.99 12.74 0.72
N GLY B 150 9.84 12.47 1.32
CA GLY B 150 9.15 11.25 0.97
C GLY B 150 8.06 10.72 1.87
N GLN B 151 7.09 10.07 1.30
CA GLN B 151 6.15 9.32 2.11
C GLN B 151 6.89 8.08 2.62
N LEU B 152 6.55 7.65 3.84
CA LEU B 152 7.18 6.50 4.50
C LEU B 152 6.05 5.60 4.95
N ARG B 153 5.77 4.55 4.19
CA ARG B 153 4.58 3.74 4.43
C ARG B 153 4.66 2.98 5.75
N ASN B 154 3.49 2.82 6.38
CA ASN B 154 3.31 1.90 7.49
C ASN B 154 4.16 2.26 8.69
N HIS B 155 4.43 3.55 8.85
CA HIS B 155 5.58 4.04 9.59
C HIS B 155 5.26 4.56 11.00
N ARG B 156 3.97 4.67 11.35
CA ARG B 156 3.53 5.39 12.53
C ARG B 156 2.16 4.89 12.96
N ARG B 157 1.70 5.40 14.10
CA ARG B 157 0.33 5.18 14.56
C ARG B 157 -0.23 6.48 15.14
N LEU B 158 -1.52 6.71 14.89
CA LEU B 158 -2.24 7.85 15.44
C LEU B 158 -2.79 7.50 16.82
N ALA B 159 -3.45 8.49 17.45
CA ALA B 159 -4.02 8.30 18.78
C ALA B 159 -4.91 7.05 18.83
N ASP B 160 -5.73 6.85 17.82
CA ASP B 160 -6.52 5.61 17.71
C ASP B 160 -5.62 4.38 17.81
N GLY B 161 -4.35 4.51 17.43
CA GLY B 161 -3.50 3.36 17.16
C GLY B 161 -3.57 2.92 15.72
N ARG B 162 -4.49 3.46 14.95
CA ARG B 162 -4.59 3.13 13.55
C ARG B 162 -3.29 3.52 12.86
N LEU B 163 -2.62 2.52 12.29
CA LEU B 163 -1.43 2.73 11.47
C LEU B 163 -1.58 3.88 10.49
N ASP B 164 -0.46 4.45 10.07
CA ASP B 164 -0.48 5.53 9.09
C ASP B 164 0.93 5.68 8.52
N ASP B 165 1.04 6.53 7.51
CA ASP B 165 2.32 6.86 6.90
C ASP B 165 2.86 8.16 7.48
N SER B 166 4.15 8.40 7.24
CA SER B 166 4.75 9.66 7.65
C SER B 166 5.33 10.36 6.43
N ILE B 167 5.61 11.65 6.55
CA ILE B 167 6.24 12.41 5.48
C ILE B 167 7.51 13.04 6.01
N LEU B 168 8.64 12.62 5.47
CA LEU B 168 9.90 13.22 5.85
C LEU B 168 10.03 14.56 5.16
N TYR B 169 10.28 15.59 5.95
CA TYR B 169 10.72 16.89 5.46
C TYR B 169 12.05 17.19 6.11
N SER B 170 12.99 17.75 5.35
CA SER B 170 14.29 18.14 5.92
C SER B 170 14.71 19.49 5.40
N ILE B 171 15.56 20.16 6.17
CA ILE B 171 16.17 21.41 5.77
C ILE B 171 17.68 21.26 6.00
N THR B 172 18.47 21.46 4.94
CA THR B 172 19.90 21.51 5.11
C THR B 172 20.35 22.93 5.44
N ASP B 173 21.67 23.08 5.58
CA ASP B 173 22.22 24.39 5.90
C ASP B 173 22.22 25.32 4.69
N ARG B 174 22.45 24.82 3.47
CA ARG B 174 22.34 25.74 2.35
C ARG B 174 20.93 26.32 2.26
N ASP B 175 19.95 25.62 2.76
CA ASP B 175 18.61 26.08 2.73
C ASP B 175 18.27 26.98 3.88
N TRP B 176 19.09 27.04 4.88
CA TRP B 176 18.83 27.88 6.03
C TRP B 176 18.73 29.33 5.76
N PRO B 177 19.85 29.86 5.17
CA PRO B 177 19.85 31.30 4.96
C PRO B 177 18.62 31.88 4.40
N GLU B 178 17.99 31.09 3.57
CA GLU B 178 16.78 31.46 2.88
C GLU B 178 15.59 31.22 3.75
N ILE B 179 15.71 30.28 4.65
CA ILE B 179 14.63 29.95 5.54
C ILE B 179 14.66 30.88 6.67
N ARG B 180 15.83 31.32 7.10
CA ARG B 180 15.95 32.30 8.18
C ARG B 180 15.30 33.48 7.64
N ARG B 181 15.87 33.97 6.58
CA ARG B 181 15.40 35.09 5.83
C ARG B 181 13.92 35.36 5.89
N THR B 182 13.14 34.45 5.35
CA THR B 182 11.71 34.55 5.29
C THR B 182 11.00 34.67 6.57
N LEU B 183 11.43 33.87 7.49
CA LEU B 183 10.89 33.85 8.80
C LEU B 183 11.28 35.12 9.49
N GLU B 184 11.79 36.09 8.74
CA GLU B 184 12.15 37.39 9.22
C GLU B 184 11.34 38.28 8.31
N THR B 185 10.97 37.78 7.14
CA THR B 185 10.09 38.47 6.20
C THR B 185 8.76 38.29 6.83
N GLU B 186 8.49 37.03 7.14
CA GLU B 186 7.33 36.56 7.87
C GLU B 186 7.02 37.55 8.96
N LEU B 187 7.91 37.61 9.93
CA LEU B 187 7.80 38.49 11.04
C LEU B 187 7.89 39.94 10.62
N SER B 188 8.26 40.21 9.39
CA SER B 188 8.32 41.59 8.95
C SER B 188 7.41 41.76 7.76
N PHE C 2 -21.56 -11.75 7.46
CA PHE C 2 -21.67 -10.57 6.62
C PHE C 2 -23.03 -10.54 5.94
N LYS C 3 -23.74 -9.43 6.09
CA LYS C 3 -25.01 -9.23 5.41
C LYS C 3 -25.23 -7.72 5.31
N PRO C 4 -25.03 -7.11 4.15
CA PRO C 4 -24.87 -5.66 4.11
C PRO C 4 -26.15 -4.92 4.43
N GLN C 5 -26.44 -4.70 5.72
CA GLN C 5 -27.68 -4.07 6.18
C GLN C 5 -27.95 -2.81 5.37
N PRO C 6 -29.21 -2.45 5.10
CA PRO C 6 -29.47 -1.13 4.55
C PRO C 6 -29.23 -0.07 5.63
N VAL C 7 -28.54 0.97 5.26
CA VAL C 7 -28.29 2.06 6.18
C VAL C 7 -28.66 3.35 5.46
N THR C 8 -29.15 4.31 6.22
CA THR C 8 -29.25 5.68 5.76
C THR C 8 -28.11 6.48 6.37
N LEU C 9 -27.44 7.30 5.55
CA LEU C 9 -26.31 8.13 5.96
C LEU C 9 -26.63 9.60 5.78
N ARG C 10 -26.06 10.45 6.64
CA ARG C 10 -26.45 11.85 6.68
C ARG C 10 -25.34 12.69 7.27
N ARG C 11 -25.23 13.92 6.74
CA ARG C 11 -24.29 14.95 7.17
C ARG C 11 -24.87 16.28 6.70
N GLY C 12 -24.95 17.26 7.58
CA GLY C 12 -25.42 18.58 7.18
C GLY C 12 -26.77 18.54 6.53
N ALA C 13 -26.90 19.26 5.41
CA ALA C 13 -28.13 19.27 4.61
C ALA C 13 -28.36 17.97 3.84
N LEU C 14 -27.38 17.06 3.83
CA LEU C 14 -27.34 15.93 2.91
C LEU C 14 -27.82 14.66 3.58
N CYS C 15 -28.61 13.89 2.85
CA CYS C 15 -29.41 12.84 3.47
C CYS C 15 -29.49 11.74 2.43
N LEU C 16 -28.79 10.62 2.68
CA LEU C 16 -28.69 9.50 1.74
C LEU C 16 -29.57 8.37 2.25
N GLU C 17 -30.69 8.13 1.54
CA GLU C 17 -31.63 7.10 1.97
C GLU C 17 -31.81 6.04 0.88
N PRO C 18 -32.09 4.78 1.28
CA PRO C 18 -32.29 3.71 0.30
C PRO C 18 -33.29 4.09 -0.77
N LEU C 19 -33.00 3.69 -2.01
CA LEU C 19 -33.91 3.94 -3.12
C LEU C 19 -35.14 3.08 -2.90
N ALA C 20 -36.30 3.74 -2.76
CA ALA C 20 -37.59 3.12 -2.50
C ALA C 20 -38.44 3.14 -3.76
N GLU C 21 -39.56 2.41 -3.78
CA GLU C 21 -40.50 2.55 -4.90
C GLU C 21 -40.94 4.00 -5.11
N ALA C 22 -41.24 4.72 -4.02
CA ALA C 22 -41.79 6.06 -4.13
C ALA C 22 -40.90 7.04 -4.89
N ASP C 23 -39.64 6.69 -5.13
CA ASP C 23 -38.62 7.61 -5.62
C ASP C 23 -38.57 7.70 -7.14
N LEU C 24 -39.13 6.73 -7.87
CA LEU C 24 -38.64 6.59 -9.24
C LEU C 24 -39.17 7.70 -10.12
N VAL C 25 -40.44 8.05 -9.92
CA VAL C 25 -41.06 9.11 -10.72
C VAL C 25 -40.22 10.38 -10.64
N GLU C 26 -40.00 10.89 -9.42
CA GLU C 26 -39.24 12.13 -9.28
C GLU C 26 -37.82 12.00 -9.81
N LEU C 27 -37.16 10.87 -9.53
CA LEU C 27 -35.82 10.69 -10.06
C LEU C 27 -35.83 10.68 -11.59
N LEU C 28 -36.79 9.99 -12.19
CA LEU C 28 -36.95 10.04 -13.63
C LEU C 28 -37.04 11.48 -14.12
N SER C 29 -38.10 12.19 -13.70
CA SER C 29 -38.20 13.62 -13.94
C SER C 29 -36.87 14.31 -13.81
N LEU C 30 -36.26 14.14 -12.63
CA LEU C 30 -34.99 14.79 -12.33
C LEU C 30 -33.92 14.40 -13.34
N ALA C 31 -33.83 13.11 -13.65
CA ALA C 31 -33.01 12.72 -14.79
C ALA C 31 -33.51 13.40 -16.06
N GLU C 32 -34.84 13.41 -16.26
CA GLU C 32 -35.36 13.84 -17.55
C GLU C 32 -34.94 15.26 -17.83
N ALA C 33 -34.90 16.09 -16.80
CA ALA C 33 -34.31 17.41 -16.93
C ALA C 33 -32.87 17.32 -17.43
N ASN C 34 -32.01 16.67 -16.65
CA ASN C 34 -30.57 16.75 -16.86
C ASN C 34 -30.16 15.68 -17.85
N ARG C 35 -30.51 15.87 -19.13
CA ARG C 35 -30.17 14.88 -20.15
C ARG C 35 -28.70 14.97 -20.57
N GLN C 36 -28.19 16.19 -20.72
CA GLN C 36 -26.88 16.34 -21.35
C GLN C 36 -25.78 15.75 -20.48
N SER C 37 -25.93 15.83 -19.16
CA SER C 37 -24.92 15.35 -18.24
C SER C 37 -25.01 13.85 -18.00
N LEU C 38 -26.02 13.19 -18.54
CA LEU C 38 -26.16 11.75 -18.45
C LEU C 38 -25.86 11.05 -19.77
N ILE C 39 -24.86 11.55 -20.50
CA ILE C 39 -24.53 10.91 -21.77
C ILE C 39 -23.67 9.68 -21.54
N TYR C 40 -22.72 9.75 -20.60
CA TYR C 40 -21.75 8.70 -20.35
C TYR C 40 -22.25 7.62 -19.40
N MET C 41 -23.34 7.82 -18.67
CA MET C 41 -23.93 6.70 -17.95
C MET C 41 -24.78 5.89 -18.91
N ASN C 42 -25.35 4.79 -18.41
CA ASN C 42 -26.20 3.92 -19.22
C ASN C 42 -27.45 3.55 -18.43
N GLY C 43 -28.59 4.13 -18.84
CA GLY C 43 -29.86 3.85 -18.22
C GLY C 43 -30.65 5.01 -17.63
N PRO C 44 -30.00 6.12 -17.25
CA PRO C 44 -30.60 7.01 -16.25
C PRO C 44 -31.86 7.75 -16.71
N LEU C 45 -32.16 7.75 -18.00
CA LEU C 45 -33.38 8.35 -18.51
C LEU C 45 -34.56 7.39 -18.50
N ARG C 46 -34.31 6.08 -18.25
CA ARG C 46 -35.33 5.05 -18.21
C ARG C 46 -35.97 4.98 -16.83
N PRO C 47 -37.25 4.60 -16.72
CA PRO C 47 -37.71 4.05 -15.45
C PRO C 47 -37.09 2.71 -15.12
N ASP C 48 -36.77 1.89 -16.12
CA ASP C 48 -36.37 0.55 -15.77
C ASP C 48 -35.01 0.53 -15.08
N TRP C 49 -34.20 1.59 -15.25
CA TRP C 49 -32.87 1.66 -14.65
C TRP C 49 -32.94 1.61 -13.12
N TYR C 50 -33.76 2.50 -12.56
CA TYR C 50 -33.99 2.49 -11.12
C TYR C 50 -34.64 1.20 -10.66
N ARG C 51 -35.65 0.73 -11.40
CA ARG C 51 -36.39 -0.45 -10.95
C ARG C 51 -35.48 -1.67 -10.88
N GLN C 52 -34.58 -1.83 -11.86
CA GLN C 52 -33.57 -2.87 -11.70
C GLN C 52 -32.66 -2.54 -10.54
N GLY C 53 -32.28 -1.26 -10.42
CA GLY C 53 -31.48 -0.84 -9.29
C GLY C 53 -32.20 -1.32 -8.05
N LEU C 54 -33.46 -0.90 -7.93
CA LEU C 54 -34.28 -1.31 -6.80
C LEU C 54 -34.32 -2.84 -6.69
N ALA C 55 -34.41 -3.54 -7.82
CA ALA C 55 -34.46 -5.00 -7.77
C ALA C 55 -33.17 -5.58 -7.21
N GLU C 56 -32.02 -5.06 -7.66
CA GLU C 56 -30.72 -5.57 -7.23
C GLU C 56 -30.52 -5.46 -5.73
N GLN C 57 -31.26 -4.59 -5.05
CA GLN C 57 -31.17 -4.58 -3.59
C GLN C 57 -31.79 -5.85 -3.01
N ARG C 58 -33.02 -6.17 -3.42
CA ARG C 58 -33.65 -7.41 -2.98
C ARG C 58 -32.84 -8.63 -3.43
N GLU C 59 -32.48 -8.67 -4.71
CA GLU C 59 -31.60 -9.72 -5.22
C GLU C 59 -30.37 -9.91 -4.32
N GLY C 60 -29.98 -8.88 -3.56
CA GLY C 60 -28.94 -9.01 -2.56
C GLY C 60 -27.54 -8.61 -2.99
N GLN C 61 -27.42 -7.77 -4.01
CA GLN C 61 -26.12 -7.46 -4.57
C GLN C 61 -25.79 -5.99 -4.58
N ALA C 62 -26.73 -5.12 -4.21
CA ALA C 62 -26.48 -3.68 -4.14
C ALA C 62 -27.35 -3.10 -3.04
N VAL C 63 -26.87 -2.01 -2.45
CA VAL C 63 -27.69 -1.14 -1.60
C VAL C 63 -27.75 0.20 -2.29
N ILE C 64 -28.93 0.55 -2.75
CA ILE C 64 -29.12 1.65 -3.68
C ILE C 64 -29.64 2.88 -2.93
N TYR C 65 -29.16 4.07 -3.31
CA TYR C 65 -29.25 5.30 -2.54
C TYR C 65 -29.80 6.45 -3.38
N ALA C 66 -30.84 7.11 -2.89
CA ALA C 66 -31.25 8.41 -3.39
C ALA C 66 -30.65 9.48 -2.50
N VAL C 67 -30.04 10.49 -3.12
CA VAL C 67 -29.43 11.59 -2.39
C VAL C 67 -30.46 12.72 -2.33
N ARG C 68 -30.70 13.24 -1.13
CA ARG C 68 -31.77 14.21 -0.88
C ARG C 68 -31.17 15.43 -0.19
N GLN C 69 -31.22 16.58 -0.86
CA GLN C 69 -30.80 17.86 -0.29
C GLN C 69 -31.99 18.78 -0.04
N ASP C 70 -31.97 19.52 1.07
CA ASP C 70 -33.13 20.29 1.51
C ASP C 70 -34.34 19.40 1.74
N HIS C 71 -34.11 18.09 1.74
CA HIS C 71 -35.11 17.04 1.56
C HIS C 71 -35.54 16.93 0.10
N ALA C 72 -34.86 17.60 -0.85
CA ALA C 72 -35.18 17.49 -2.27
C ALA C 72 -34.30 16.43 -2.92
N LEU C 73 -34.93 15.55 -3.73
CA LEU C 73 -34.19 14.62 -4.56
C LEU C 73 -33.19 15.37 -5.44
N VAL C 74 -32.05 14.77 -5.69
CA VAL C 74 -30.99 15.53 -6.35
C VAL C 74 -30.11 14.60 -7.19
N GLY C 75 -30.07 13.32 -6.81
CA GLY C 75 -29.31 12.36 -7.58
C GLY C 75 -29.40 10.99 -6.94
N THR C 76 -28.58 10.06 -7.45
CA THR C 76 -28.54 8.73 -6.89
C THR C 76 -27.10 8.24 -6.93
N THR C 77 -26.82 7.23 -6.11
CA THR C 77 -25.48 6.70 -5.89
C THR C 77 -25.65 5.36 -5.19
N ARG C 78 -24.57 4.60 -5.07
CA ARG C 78 -24.86 3.19 -4.88
C ARG C 78 -23.68 2.32 -4.47
N PHE C 79 -23.85 1.53 -3.43
CA PHE C 79 -22.91 0.46 -3.17
C PHE C 79 -23.37 -0.76 -3.94
N PHE C 80 -22.40 -1.63 -4.28
CA PHE C 80 -22.63 -2.94 -4.89
C PHE C 80 -21.32 -3.66 -5.14
N ASP C 81 -21.37 -4.85 -5.71
CA ASP C 81 -20.21 -5.70 -5.96
C ASP C 81 -19.54 -6.05 -4.71
N PHE C 82 -20.28 -6.73 -3.88
CA PHE C 82 -19.82 -7.10 -2.61
C PHE C 82 -18.91 -8.28 -2.73
N MET C 83 -17.70 -8.16 -2.18
CA MET C 83 -16.71 -9.18 -2.17
C MET C 83 -16.52 -9.53 -0.74
N PRO C 84 -17.55 -10.25 -0.18
CA PRO C 84 -17.47 -10.52 1.23
C PRO C 84 -16.28 -11.09 1.97
N GLY C 85 -15.63 -12.08 1.43
CA GLY C 85 -14.56 -12.75 2.09
C GLY C 85 -13.40 -11.89 2.07
N LEU C 86 -13.61 -10.60 2.12
CA LEU C 86 -12.50 -9.68 2.10
C LEU C 86 -12.55 -8.74 3.29
N PRO C 87 -13.44 -7.68 3.35
CA PRO C 87 -14.34 -7.45 2.23
C PRO C 87 -14.03 -6.30 1.36
N ALA C 88 -14.93 -5.99 0.45
CA ALA C 88 -14.75 -4.90 -0.44
C ALA C 88 -16.03 -4.62 -1.08
N VAL C 89 -16.15 -3.44 -1.67
CA VAL C 89 -17.32 -2.93 -2.36
C VAL C 89 -16.96 -2.03 -3.47
N GLU C 90 -17.95 -1.49 -4.15
CA GLU C 90 -17.83 -0.55 -5.23
C GLU C 90 -18.91 0.51 -5.22
N ILE C 91 -18.57 1.76 -5.30
CA ILE C 91 -19.52 2.87 -5.41
C ILE C 91 -19.62 3.25 -6.87
N GLY C 92 -20.79 3.10 -7.46
CA GLY C 92 -20.90 3.46 -8.87
C GLY C 92 -22.34 3.81 -9.20
N GLY C 93 -22.57 4.12 -10.47
CA GLY C 93 -23.88 4.59 -10.89
C GLY C 93 -24.39 5.76 -10.05
N THR C 94 -23.57 6.79 -9.92
CA THR C 94 -23.89 7.96 -9.14
C THR C 94 -24.10 9.13 -10.11
N TRP C 95 -25.24 9.81 -9.97
CA TRP C 95 -25.47 11.00 -10.73
C TRP C 95 -26.12 12.03 -9.82
N LEU C 96 -25.86 13.30 -10.14
CA LEU C 96 -26.34 14.46 -9.41
C LEU C 96 -26.78 15.46 -10.45
N ALA C 97 -27.89 16.13 -10.20
CA ALA C 97 -28.32 17.18 -11.10
C ALA C 97 -27.23 18.23 -11.30
N GLU C 98 -27.29 18.92 -12.42
CA GLU C 98 -26.26 19.89 -12.77
C GLU C 98 -26.18 21.05 -11.78
N ASP C 99 -27.33 21.55 -11.27
CA ASP C 99 -27.31 22.68 -10.33
C ASP C 99 -26.39 22.39 -9.14
N ARG C 100 -25.91 21.13 -9.02
CA ARG C 100 -25.12 20.71 -7.87
C ARG C 100 -23.69 20.34 -8.23
N HIS C 101 -23.38 20.15 -9.52
CA HIS C 101 -22.01 19.80 -9.93
C HIS C 101 -21.03 20.87 -9.50
N GLY C 102 -19.90 20.43 -8.97
CA GLY C 102 -18.84 21.35 -8.66
C GLY C 102 -19.05 22.19 -7.41
N SER C 103 -20.17 22.02 -6.70
CA SER C 103 -20.36 22.70 -5.43
C SER C 103 -20.18 21.73 -4.27
N GLY C 104 -19.20 20.83 -4.38
CA GLY C 104 -18.79 19.96 -3.30
C GLY C 104 -19.77 18.90 -2.86
N LEU C 105 -20.87 18.68 -3.61
CA LEU C 105 -21.86 17.73 -3.12
C LEU C 105 -21.38 16.32 -3.30
N ASN C 106 -20.68 16.03 -4.41
CA ASN C 106 -20.03 14.73 -4.53
C ASN C 106 -19.11 14.49 -3.36
N ALA C 107 -18.25 15.48 -3.08
CA ALA C 107 -17.27 15.34 -2.01
C ALA C 107 -17.92 14.91 -0.71
N ALA C 108 -19.09 15.47 -0.39
CA ALA C 108 -19.77 15.03 0.83
C ALA C 108 -20.51 13.71 0.63
N ILE C 109 -20.99 13.43 -0.58
CA ILE C 109 -21.70 12.17 -0.82
C ILE C 109 -20.79 11.05 -0.43
N LYS C 110 -19.53 11.14 -0.77
CA LYS C 110 -18.58 10.12 -0.51
C LYS C 110 -17.82 10.10 0.73
N PHE C 111 -17.85 11.10 1.58
CA PHE C 111 -17.10 11.05 2.82
C PHE C 111 -17.97 10.17 3.61
N LEU C 112 -19.24 10.36 3.51
CA LEU C 112 -20.17 9.49 4.20
C LEU C 112 -20.06 8.06 3.69
N MET C 113 -20.09 7.88 2.37
CA MET C 113 -20.18 6.53 1.80
C MET C 113 -18.92 5.74 2.10
N LEU C 114 -17.75 6.34 1.92
CA LEU C 114 -16.51 5.66 2.27
C LEU C 114 -16.45 5.39 3.76
N ARG C 115 -16.70 6.40 4.58
CA ARG C 115 -16.66 6.26 6.04
C ARG C 115 -17.47 5.06 6.52
N GLN C 116 -18.61 4.79 5.88
CA GLN C 116 -19.34 3.57 6.22
C GLN C 116 -18.58 2.32 5.77
N ALA C 117 -17.91 2.39 4.63
CA ALA C 117 -17.18 1.24 4.14
C ALA C 117 -16.06 0.86 5.09
N PHE C 118 -15.17 1.81 5.40
CA PHE C 118 -13.95 1.46 6.09
C PHE C 118 -14.16 1.37 7.60
N GLU C 119 -14.94 2.26 8.18
CA GLU C 119 -15.07 2.23 9.62
C GLU C 119 -16.30 1.47 10.09
N GLN C 120 -17.40 1.52 9.32
CA GLN C 120 -18.63 0.81 9.70
C GLN C 120 -18.78 -0.54 9.00
N TRP C 121 -18.05 -0.78 7.90
CA TRP C 121 -18.02 -2.10 7.27
C TRP C 121 -16.66 -2.77 7.34
N GLU C 122 -15.59 -2.04 7.71
CA GLU C 122 -14.25 -2.60 7.85
C GLU C 122 -13.82 -3.32 6.59
N MET C 123 -13.72 -2.56 5.51
CA MET C 123 -13.42 -3.12 4.20
C MET C 123 -12.00 -2.75 3.81
N VAL C 124 -11.27 -3.69 3.21
CA VAL C 124 -9.90 -3.40 2.84
C VAL C 124 -9.81 -2.74 1.49
N ARG C 125 -10.95 -2.53 0.83
CA ARG C 125 -10.97 -2.11 -0.57
C ARG C 125 -12.31 -1.47 -0.90
N VAL C 126 -12.27 -0.31 -1.53
CA VAL C 126 -13.39 0.26 -2.24
C VAL C 126 -12.92 0.58 -3.64
N GLN C 127 -13.67 0.15 -4.63
CA GLN C 127 -13.35 0.54 -5.99
C GLN C 127 -14.48 1.35 -6.62
N LEU C 128 -14.13 1.99 -7.74
CA LEU C 128 -14.97 2.94 -8.45
C LEU C 128 -14.59 2.88 -9.93
N LYS C 129 -15.59 2.89 -10.81
CA LYS C 129 -15.26 2.92 -12.23
C LYS C 129 -16.27 3.76 -13.05
N THR C 130 -15.70 4.61 -13.90
CA THR C 130 -16.40 5.46 -14.83
C THR C 130 -15.99 5.06 -16.24
N ALA C 131 -16.13 5.96 -17.21
CA ALA C 131 -15.77 5.68 -18.59
C ALA C 131 -14.55 6.49 -19.01
N ALA C 132 -13.90 6.00 -20.05
CA ALA C 132 -12.64 6.60 -20.50
C ALA C 132 -12.84 7.97 -21.15
N SER C 133 -14.07 8.23 -21.65
CA SER C 133 -14.45 9.51 -22.25
C SER C 133 -14.98 10.51 -21.22
N ASN C 134 -15.51 10.01 -20.10
CA ASN C 134 -16.10 10.80 -19.04
C ASN C 134 -15.03 11.64 -18.36
N LEU C 135 -14.32 12.46 -19.14
CA LEU C 135 -13.16 13.21 -18.69
C LEU C 135 -13.37 13.93 -17.37
N ARG C 136 -14.64 14.05 -16.96
CA ARG C 136 -15.03 14.76 -15.76
C ARG C 136 -15.21 13.83 -14.57
N ALA C 137 -15.98 12.74 -14.73
CA ALA C 137 -16.18 11.83 -13.60
C ALA C 137 -14.86 11.32 -13.07
N GLN C 138 -13.85 11.24 -13.96
CA GLN C 138 -12.53 10.78 -13.55
C GLN C 138 -11.84 11.78 -12.62
N ARG C 139 -11.87 13.07 -12.98
CA ARG C 139 -11.22 14.05 -12.11
C ARG C 139 -11.91 14.11 -10.76
N ALA C 140 -13.21 13.84 -10.72
CA ALA C 140 -13.87 13.70 -9.45
C ALA C 140 -13.26 12.57 -8.65
N ILE C 141 -13.17 11.38 -9.27
CA ILE C 141 -12.54 10.26 -8.58
C ILE C 141 -11.09 10.57 -8.23
N GLU C 142 -10.35 11.23 -9.12
CA GLU C 142 -8.96 11.53 -8.86
C GLU C 142 -8.81 12.48 -7.71
N LYS C 143 -9.67 13.45 -7.62
CA LYS C 143 -9.64 14.41 -6.55
C LYS C 143 -10.04 13.81 -5.22
N LEU C 144 -10.42 12.57 -5.21
CA LEU C 144 -10.82 11.87 -4.02
C LEU C 144 -9.64 11.19 -3.51
N GLY C 145 -8.63 11.16 -4.33
CA GLY C 145 -7.42 10.45 -3.93
C GLY C 145 -7.39 8.98 -4.28
N ALA C 146 -8.42 8.46 -4.93
CA ALA C 146 -8.37 7.09 -5.39
C ALA C 146 -7.16 6.87 -6.30
N ARG C 147 -6.52 5.73 -6.14
CA ARG C 147 -5.40 5.39 -7.01
C ARG C 147 -5.93 4.85 -8.34
N ARG C 148 -5.34 5.30 -9.44
CA ARG C 148 -5.80 4.83 -10.75
C ARG C 148 -5.22 3.44 -11.01
N GLU C 149 -6.06 2.41 -10.84
CA GLU C 149 -5.59 1.05 -11.03
C GLU C 149 -5.37 0.74 -12.51
N GLY C 150 -6.24 1.21 -13.39
CA GLY C 150 -6.04 0.96 -14.80
C GLY C 150 -7.30 1.05 -15.64
N GLN C 151 -7.10 0.84 -16.94
CA GLN C 151 -8.13 1.01 -17.97
C GLN C 151 -8.50 -0.34 -18.57
N LEU C 152 -9.75 -0.74 -18.44
CA LEU C 152 -10.22 -2.03 -18.94
C LEU C 152 -10.78 -1.83 -20.34
N ARG C 153 -10.05 -2.31 -21.35
CA ARG C 153 -10.45 -1.98 -22.71
C ARG C 153 -11.74 -2.69 -23.08
N ASN C 154 -12.53 -2.03 -23.93
CA ASN C 154 -13.79 -2.57 -24.47
C ASN C 154 -14.67 -3.16 -23.37
N HIS C 155 -14.99 -2.35 -22.38
CA HIS C 155 -15.62 -2.77 -21.17
C HIS C 155 -17.02 -2.38 -20.95
N ARG C 156 -17.50 -1.29 -21.52
CA ARG C 156 -18.89 -0.89 -21.30
C ARG C 156 -19.64 -0.47 -22.53
N ARG C 157 -20.91 -0.18 -22.42
CA ARG C 157 -21.67 0.30 -23.54
C ARG C 157 -22.02 1.63 -23.04
N LEU C 158 -21.87 2.61 -23.90
CA LEU C 158 -22.13 3.96 -23.53
C LEU C 158 -23.59 4.02 -23.52
N ALA C 159 -24.21 5.15 -23.26
CA ALA C 159 -25.68 5.17 -23.24
C ALA C 159 -26.34 5.38 -24.63
N ASP C 160 -25.48 5.44 -25.65
CA ASP C 160 -25.85 5.53 -27.04
C ASP C 160 -25.59 4.17 -27.67
N GLY C 161 -24.90 3.28 -26.96
CA GLY C 161 -24.56 1.92 -27.38
C GLY C 161 -23.22 1.69 -28.04
N ARG C 162 -22.29 2.58 -27.83
CA ARG C 162 -20.99 2.46 -28.39
C ARG C 162 -20.22 1.73 -27.42
N LEU C 163 -19.01 1.43 -27.77
CA LEU C 163 -18.18 0.68 -26.92
C LEU C 163 -17.11 1.60 -26.49
N ASP C 164 -16.91 1.68 -25.22
CA ASP C 164 -15.88 2.52 -24.61
C ASP C 164 -15.16 1.72 -23.54
N ASP C 165 -13.95 2.18 -23.22
CA ASP C 165 -13.14 1.57 -22.17
C ASP C 165 -13.63 2.07 -20.80
N SER C 166 -12.87 1.80 -19.73
CA SER C 166 -13.35 2.09 -18.38
C SER C 166 -12.15 2.35 -17.48
N ILE C 167 -12.24 3.36 -16.65
CA ILE C 167 -11.12 3.73 -15.79
C ILE C 167 -11.44 3.27 -14.38
N LEU C 168 -10.68 2.30 -13.91
CA LEU C 168 -10.90 1.65 -12.62
C LEU C 168 -9.95 2.25 -11.58
N TYR C 169 -10.48 2.64 -10.41
CA TYR C 169 -9.75 3.25 -9.30
C TYR C 169 -10.08 2.51 -8.00
N SER C 170 -9.34 2.84 -6.95
CA SER C 170 -9.52 2.18 -5.67
C SER C 170 -8.94 3.00 -4.55
N ILE C 171 -9.40 2.69 -3.34
CA ILE C 171 -8.98 3.28 -2.09
C ILE C 171 -8.90 2.13 -1.10
N THR C 172 -7.71 1.88 -0.55
CA THR C 172 -7.52 0.78 0.38
C THR C 172 -7.72 1.22 1.81
N ASP C 173 -7.87 0.23 2.70
CA ASP C 173 -8.04 0.51 4.13
C ASP C 173 -6.95 1.43 4.65
N ARG C 174 -5.73 1.28 4.13
CA ARG C 174 -4.63 2.14 4.57
C ARG C 174 -4.74 3.52 3.93
N ASP C 175 -5.16 3.58 2.67
CA ASP C 175 -5.42 4.84 1.96
C ASP C 175 -6.44 5.72 2.69
N TRP C 176 -7.25 5.15 3.59
CA TRP C 176 -8.42 5.87 4.06
C TRP C 176 -8.11 7.14 4.88
N PRO C 177 -7.15 7.18 5.81
CA PRO C 177 -6.90 8.45 6.54
C PRO C 177 -6.42 9.61 5.68
N GLU C 178 -5.49 9.37 4.75
CA GLU C 178 -5.06 10.37 3.78
C GLU C 178 -6.17 10.75 2.81
N ILE C 179 -7.33 10.11 2.99
CA ILE C 179 -8.54 10.44 2.26
C ILE C 179 -9.63 10.94 3.18
N ARG C 180 -9.81 10.28 4.34
CA ARG C 180 -10.79 10.71 5.34
C ARG C 180 -10.56 12.13 5.76
N ARG C 181 -9.40 12.63 5.47
CA ARG C 181 -8.98 13.87 5.89
C ARG C 181 -8.75 14.80 4.83
N THR C 182 -8.64 14.32 3.65
CA THR C 182 -8.47 15.16 2.51
C THR C 182 -9.75 15.85 2.19
N LEU C 183 -10.80 15.15 2.49
CA LEU C 183 -12.15 15.51 2.32
C LEU C 183 -12.45 16.55 3.31
N GLU C 184 -12.33 16.25 4.57
CA GLU C 184 -12.61 17.15 5.60
C GLU C 184 -11.75 18.37 5.55
N THR C 185 -11.04 18.57 4.48
CA THR C 185 -10.17 19.70 4.32
C THR C 185 -10.58 20.57 3.28
N GLU C 186 -11.45 20.11 2.44
CA GLU C 186 -12.04 20.92 1.44
C GLU C 186 -13.48 21.06 1.76
N LEU C 187 -13.89 20.61 2.93
CA LEU C 187 -15.20 20.67 3.46
C LEU C 187 -15.01 21.97 4.14
N SER C 188 -14.02 22.14 4.95
CA SER C 188 -13.80 23.44 5.54
C SER C 188 -12.87 24.24 4.64
N PHE D 2 -27.32 -12.88 -24.50
CA PHE D 2 -26.31 -13.88 -24.87
C PHE D 2 -26.45 -15.14 -24.02
N LYS D 3 -26.01 -16.26 -24.61
CA LYS D 3 -26.04 -17.51 -23.89
C LYS D 3 -24.85 -18.36 -24.31
N PRO D 4 -24.19 -19.00 -23.38
CA PRO D 4 -23.04 -19.84 -23.71
C PRO D 4 -23.26 -21.28 -23.27
N GLN D 5 -23.31 -22.22 -24.23
CA GLN D 5 -23.67 -23.58 -23.89
C GLN D 5 -22.42 -24.40 -23.64
N PRO D 6 -22.58 -25.52 -22.94
CA PRO D 6 -21.48 -26.48 -22.80
C PRO D 6 -20.86 -26.87 -24.14
N VAL D 7 -19.55 -27.11 -24.13
CA VAL D 7 -18.82 -27.41 -25.35
C VAL D 7 -17.60 -28.27 -24.97
N THR D 8 -17.08 -29.00 -25.94
CA THR D 8 -15.85 -29.76 -25.77
C THR D 8 -14.84 -29.25 -26.78
N LEU D 9 -13.73 -28.70 -26.27
CA LEU D 9 -12.60 -28.16 -27.01
C LEU D 9 -11.57 -29.25 -27.08
N ARG D 10 -10.92 -29.43 -28.20
CA ARG D 10 -10.01 -30.51 -28.44
C ARG D 10 -8.81 -30.26 -29.33
N ARG D 11 -7.59 -30.44 -28.85
CA ARG D 11 -6.43 -30.25 -29.71
C ARG D 11 -5.40 -31.34 -29.55
N GLY D 12 -5.65 -32.49 -30.14
CA GLY D 12 -4.74 -33.58 -30.08
C GLY D 12 -5.22 -34.46 -29.01
N ALA D 13 -4.45 -34.60 -27.98
CA ALA D 13 -4.78 -35.45 -26.89
C ALA D 13 -5.34 -34.77 -25.75
N LEU D 14 -5.52 -33.46 -25.87
CA LEU D 14 -6.07 -32.60 -24.82
C LEU D 14 -7.50 -32.30 -25.08
N CYS D 15 -8.35 -32.68 -24.16
CA CYS D 15 -9.79 -32.53 -24.26
C CYS D 15 -10.37 -31.76 -23.12
N LEU D 16 -10.94 -30.61 -23.38
CA LEU D 16 -11.55 -29.82 -22.33
C LEU D 16 -13.07 -30.07 -22.28
N GLU D 17 -13.53 -30.94 -21.43
CA GLU D 17 -14.90 -31.30 -21.34
C GLU D 17 -15.56 -30.71 -20.19
N PRO D 18 -16.84 -30.40 -20.28
CA PRO D 18 -17.61 -29.77 -19.21
C PRO D 18 -17.45 -30.48 -17.88
N LEU D 19 -17.38 -29.70 -16.82
CA LEU D 19 -17.18 -30.29 -15.50
C LEU D 19 -18.48 -30.99 -15.09
N ALA D 20 -18.34 -32.18 -14.52
CA ALA D 20 -19.50 -32.96 -14.12
C ALA D 20 -19.29 -33.40 -12.67
N GLU D 21 -20.40 -33.75 -12.02
CA GLU D 21 -20.37 -33.98 -10.58
C GLU D 21 -19.32 -35.01 -10.18
N ALA D 22 -19.13 -36.05 -10.99
CA ALA D 22 -18.23 -37.15 -10.66
C ALA D 22 -16.78 -36.87 -11.01
N ASP D 23 -16.49 -35.77 -11.73
CA ASP D 23 -15.11 -35.28 -11.86
C ASP D 23 -14.59 -34.63 -10.58
N LEU D 24 -15.35 -34.67 -9.49
CA LEU D 24 -14.93 -34.01 -8.26
C LEU D 24 -13.97 -34.90 -7.47
N VAL D 25 -14.32 -36.17 -7.28
CA VAL D 25 -13.40 -37.11 -6.67
C VAL D 25 -12.04 -37.06 -7.36
N GLU D 26 -12.04 -37.05 -8.69
CA GLU D 26 -10.78 -37.06 -9.43
C GLU D 26 -9.97 -35.78 -9.21
N LEU D 27 -10.62 -34.63 -9.24
CA LEU D 27 -9.85 -33.39 -9.18
C LEU D 27 -9.25 -33.17 -7.79
N LEU D 28 -9.96 -33.58 -6.73
CA LEU D 28 -9.42 -33.44 -5.38
C LEU D 28 -8.13 -34.21 -5.20
N SER D 29 -8.17 -35.53 -5.43
CA SER D 29 -7.01 -36.37 -5.21
C SER D 29 -5.84 -35.95 -6.06
N LEU D 30 -6.06 -35.09 -7.06
CA LEU D 30 -4.98 -34.53 -7.84
C LEU D 30 -4.52 -33.19 -7.29
N ALA D 31 -5.48 -32.37 -6.84
CA ALA D 31 -5.20 -31.14 -6.13
C ALA D 31 -4.17 -31.37 -5.02
N GLU D 32 -4.59 -31.99 -3.91
CA GLU D 32 -3.77 -32.08 -2.70
C GLU D 32 -2.37 -32.63 -3.02
N ALA D 33 -2.24 -33.40 -4.10
CA ALA D 33 -0.93 -33.87 -4.53
C ALA D 33 -0.16 -32.82 -5.28
N ASN D 34 -0.74 -31.65 -5.55
CA ASN D 34 -0.06 -30.52 -6.19
C ASN D 34 -0.18 -29.26 -5.35
N ARG D 35 -0.13 -29.43 -4.03
CA ARG D 35 -0.52 -28.39 -3.10
C ARG D 35 0.35 -27.15 -3.26
N GLN D 36 1.67 -27.34 -3.25
CA GLN D 36 2.57 -26.19 -3.33
C GLN D 36 2.33 -25.39 -4.59
N SER D 37 1.99 -26.07 -5.69
CA SER D 37 1.73 -25.42 -6.96
C SER D 37 0.42 -24.64 -6.99
N LEU D 38 -0.44 -24.82 -5.98
CA LEU D 38 -1.75 -24.17 -5.97
C LEU D 38 -1.91 -23.16 -4.84
N ILE D 39 -0.87 -22.95 -4.02
CA ILE D 39 -0.97 -21.97 -2.93
C ILE D 39 -1.51 -20.66 -3.46
N TYR D 40 -1.09 -20.27 -4.66
CA TYR D 40 -1.42 -18.98 -5.20
C TYR D 40 -2.90 -18.84 -5.55
N MET D 41 -3.60 -19.95 -5.77
CA MET D 41 -5.02 -19.88 -6.06
C MET D 41 -5.77 -19.92 -4.74
N ASN D 42 -7.08 -20.10 -4.78
CA ASN D 42 -7.88 -20.14 -3.56
C ASN D 42 -8.99 -21.16 -3.71
N GLY D 43 -8.98 -22.15 -2.82
CA GLY D 43 -9.99 -23.19 -2.87
C GLY D 43 -9.50 -24.56 -3.28
N PRO D 44 -8.69 -24.68 -4.41
CA PRO D 44 -8.66 -25.94 -5.18
C PRO D 44 -8.40 -27.23 -4.40
N LEU D 45 -8.26 -27.19 -3.08
CA LEU D 45 -8.11 -28.39 -2.27
C LEU D 45 -9.38 -28.77 -1.52
N ARG D 46 -10.55 -28.35 -2.01
CA ARG D 46 -11.85 -28.68 -1.38
C ARG D 46 -12.99 -28.88 -2.37
N PRO D 47 -13.82 -29.91 -2.16
CA PRO D 47 -14.94 -30.16 -3.08
C PRO D 47 -15.82 -28.96 -3.36
N ASP D 48 -16.23 -28.21 -2.34
CA ASP D 48 -17.23 -27.16 -2.57
C ASP D 48 -16.72 -26.12 -3.57
N TRP D 49 -15.49 -26.26 -4.06
CA TRP D 49 -15.04 -25.41 -5.14
C TRP D 49 -15.61 -25.87 -6.48
N TYR D 50 -15.44 -27.16 -6.80
CA TYR D 50 -15.95 -27.68 -8.05
C TYR D 50 -17.48 -27.75 -8.06
N ARG D 51 -18.12 -27.91 -6.91
CA ARG D 51 -19.58 -27.94 -6.84
C ARG D 51 -20.20 -26.56 -7.05
N GLN D 52 -19.45 -25.48 -6.83
CA GLN D 52 -19.96 -24.17 -7.17
C GLN D 52 -19.83 -23.92 -8.67
N GLY D 53 -18.67 -24.24 -9.24
CA GLY D 53 -18.50 -24.18 -10.68
C GLY D 53 -19.50 -25.05 -11.41
N LEU D 54 -19.95 -26.13 -10.78
CA LEU D 54 -21.07 -26.90 -11.34
C LEU D 54 -22.36 -26.11 -11.28
N ALA D 55 -22.64 -25.49 -10.12
CA ALA D 55 -23.86 -24.71 -9.96
C ALA D 55 -23.78 -23.40 -10.71
N GLU D 56 -22.60 -22.79 -10.79
CA GLU D 56 -22.48 -21.58 -11.58
C GLU D 56 -22.47 -21.86 -13.06
N GLN D 57 -22.72 -23.11 -13.45
CA GLN D 57 -22.97 -23.51 -14.84
C GLN D 57 -24.46 -23.63 -15.10
N ARG D 58 -25.18 -24.21 -14.15
CA ARG D 58 -26.62 -24.37 -14.28
C ARG D 58 -27.30 -23.02 -14.45
N GLU D 59 -26.82 -21.99 -13.76
CA GLU D 59 -27.39 -20.66 -13.84
C GLU D 59 -26.62 -19.77 -14.81
N GLY D 60 -25.95 -20.36 -15.80
CA GLY D 60 -25.33 -19.63 -16.90
C GLY D 60 -24.44 -18.49 -16.48
N GLN D 61 -23.85 -18.60 -15.28
CA GLN D 61 -22.91 -17.65 -14.71
C GLN D 61 -21.46 -18.07 -14.90
N ALA D 62 -21.23 -19.28 -15.40
CA ALA D 62 -19.90 -19.81 -15.61
C ALA D 62 -20.01 -21.06 -16.47
N VAL D 63 -18.90 -21.42 -17.13
CA VAL D 63 -18.75 -22.68 -17.83
C VAL D 63 -17.42 -23.28 -17.41
N ILE D 64 -17.41 -24.56 -17.06
CA ILE D 64 -16.29 -25.10 -16.31
C ILE D 64 -15.83 -26.44 -16.87
N TYR D 65 -14.51 -26.59 -16.94
CA TYR D 65 -13.89 -27.61 -17.78
C TYR D 65 -12.93 -28.48 -16.99
N ALA D 66 -13.19 -29.79 -17.01
CA ALA D 66 -12.11 -30.72 -16.75
C ALA D 66 -11.15 -30.68 -17.94
N VAL D 67 -9.86 -30.90 -17.67
CA VAL D 67 -8.83 -30.93 -18.71
C VAL D 67 -8.23 -32.33 -18.72
N ARG D 68 -8.39 -33.05 -19.82
CA ARG D 68 -7.99 -34.46 -19.85
C ARG D 68 -6.94 -34.69 -20.93
N GLN D 69 -5.87 -35.41 -20.57
CA GLN D 69 -4.88 -35.82 -21.55
C GLN D 69 -5.14 -37.28 -21.88
N ASP D 70 -5.81 -37.48 -23.01
CA ASP D 70 -6.38 -38.76 -23.42
C ASP D 70 -7.39 -39.17 -22.36
N HIS D 71 -6.90 -39.63 -21.21
CA HIS D 71 -7.75 -40.39 -20.31
C HIS D 71 -7.57 -40.04 -18.86
N ALA D 72 -6.32 -39.81 -18.43
CA ALA D 72 -6.10 -39.25 -17.11
C ALA D 72 -6.62 -37.82 -17.10
N LEU D 73 -7.17 -37.43 -15.95
CA LEU D 73 -7.64 -36.07 -15.76
C LEU D 73 -6.49 -35.24 -15.19
N VAL D 74 -6.15 -34.16 -15.88
CA VAL D 74 -4.89 -33.48 -15.61
C VAL D 74 -5.09 -32.01 -15.21
N GLY D 75 -6.30 -31.62 -14.79
CA GLY D 75 -6.49 -30.26 -14.37
C GLY D 75 -7.77 -29.62 -14.85
N THR D 76 -8.03 -28.38 -14.42
CA THR D 76 -9.26 -27.68 -14.72
C THR D 76 -8.95 -26.29 -15.22
N THR D 77 -9.93 -25.72 -15.91
CA THR D 77 -9.88 -24.36 -16.41
C THR D 77 -11.31 -23.93 -16.62
N ARG D 78 -11.52 -22.64 -16.83
CA ARG D 78 -12.83 -22.10 -16.61
C ARG D 78 -13.11 -20.95 -17.58
N PHE D 79 -14.39 -20.84 -17.95
CA PHE D 79 -15.01 -19.60 -18.40
C PHE D 79 -15.84 -19.09 -17.25
N PHE D 80 -15.84 -17.77 -17.02
CA PHE D 80 -16.87 -17.21 -16.15
C PHE D 80 -16.87 -15.70 -16.26
N ASP D 81 -17.75 -15.09 -15.46
CA ASP D 81 -17.99 -13.66 -15.38
C ASP D 81 -18.45 -13.16 -16.75
N PHE D 82 -19.65 -13.59 -17.10
CA PHE D 82 -20.14 -13.29 -18.43
C PHE D 82 -20.66 -11.88 -18.46
N MET D 83 -20.24 -11.13 -19.46
CA MET D 83 -20.79 -9.79 -19.66
C MET D 83 -21.60 -9.82 -20.94
N PRO D 84 -22.84 -10.28 -20.90
CA PRO D 84 -23.59 -10.46 -22.14
C PRO D 84 -23.73 -9.18 -22.91
N GLY D 85 -23.81 -8.03 -22.24
CA GLY D 85 -24.03 -6.75 -22.92
C GLY D 85 -22.91 -6.32 -23.87
N LEU D 86 -21.79 -7.05 -23.93
CA LEU D 86 -20.70 -6.53 -24.72
C LEU D 86 -20.50 -7.33 -26.01
N PRO D 87 -20.32 -8.65 -25.97
CA PRO D 87 -20.16 -9.63 -24.88
C PRO D 87 -18.70 -9.81 -24.44
N ALA D 88 -18.51 -10.11 -23.18
CA ALA D 88 -17.16 -10.27 -22.67
C ALA D 88 -17.18 -11.40 -21.66
N VAL D 89 -15.99 -11.92 -21.37
CA VAL D 89 -15.83 -13.07 -20.49
C VAL D 89 -14.52 -12.95 -19.74
N GLU D 90 -14.37 -13.80 -18.74
CA GLU D 90 -13.09 -14.07 -18.13
C GLU D 90 -12.70 -15.51 -18.45
N ILE D 91 -11.41 -15.80 -18.31
CA ILE D 91 -10.88 -17.16 -18.24
C ILE D 91 -10.08 -17.25 -16.93
N GLY D 92 -10.44 -18.24 -16.11
CA GLY D 92 -9.77 -18.44 -14.83
C GLY D 92 -9.79 -19.90 -14.46
N GLY D 93 -9.86 -20.15 -13.16
CA GLY D 93 -9.97 -21.49 -12.61
C GLY D 93 -8.85 -22.41 -13.02
N THR D 94 -7.83 -21.88 -13.69
CA THR D 94 -6.91 -22.71 -14.46
C THR D 94 -5.83 -23.25 -13.54
N TRP D 95 -5.76 -24.58 -13.40
CA TRP D 95 -4.59 -25.18 -12.78
C TRP D 95 -4.30 -26.53 -13.42
N LEU D 96 -3.07 -26.75 -13.82
CA LEU D 96 -2.64 -28.07 -14.27
C LEU D 96 -1.69 -28.67 -13.24
N ALA D 97 -1.71 -30.00 -13.15
CA ALA D 97 -0.80 -30.73 -12.30
C ALA D 97 0.65 -30.32 -12.58
N GLU D 98 1.54 -30.55 -11.60
CA GLU D 98 2.94 -30.17 -11.74
C GLU D 98 3.53 -30.75 -13.02
N ASP D 99 3.26 -32.04 -13.27
CA ASP D 99 3.90 -32.78 -14.35
C ASP D 99 3.84 -32.03 -15.68
N ARG D 100 2.79 -31.24 -15.89
CA ARG D 100 2.53 -30.69 -17.22
C ARG D 100 3.00 -29.26 -17.39
N HIS D 101 3.54 -28.66 -16.33
CA HIS D 101 4.14 -27.34 -16.46
C HIS D 101 5.28 -27.38 -17.47
N GLY D 102 5.42 -26.30 -18.22
CA GLY D 102 6.51 -26.16 -19.17
C GLY D 102 6.17 -26.80 -20.49
N SER D 103 5.39 -27.88 -20.41
CA SER D 103 5.23 -28.83 -21.51
C SER D 103 4.16 -28.41 -22.52
N GLY D 104 3.93 -27.10 -22.66
CA GLY D 104 3.23 -26.59 -23.83
C GLY D 104 1.76 -26.94 -23.88
N LEU D 105 1.28 -27.53 -22.79
CA LEU D 105 -0.10 -27.92 -22.69
C LEU D 105 -1.01 -26.72 -22.46
N ASN D 106 -0.62 -25.78 -21.59
CA ASN D 106 -1.48 -24.62 -21.33
C ASN D 106 -1.65 -23.76 -22.57
N ALA D 107 -0.62 -23.65 -23.42
CA ALA D 107 -0.78 -22.89 -24.65
C ALA D 107 -1.94 -23.44 -25.48
N ALA D 108 -2.10 -24.76 -25.50
CA ALA D 108 -3.17 -25.38 -26.26
C ALA D 108 -4.51 -25.23 -25.55
N ILE D 109 -4.50 -25.17 -24.21
CA ILE D 109 -5.69 -24.72 -23.47
C ILE D 109 -6.09 -23.32 -23.94
N LYS D 110 -5.15 -22.38 -23.95
CA LYS D 110 -5.48 -20.98 -24.20
C LYS D 110 -5.96 -20.72 -25.63
N PHE D 111 -5.22 -21.21 -26.64
CA PHE D 111 -5.73 -21.19 -28.01
C PHE D 111 -7.18 -21.68 -28.05
N LEU D 112 -7.40 -22.93 -27.64
CA LEU D 112 -8.71 -23.54 -27.82
C LEU D 112 -9.84 -22.69 -27.29
N MET D 113 -9.68 -22.11 -26.11
CA MET D 113 -10.77 -21.33 -25.52
C MET D 113 -10.87 -19.95 -26.14
N LEU D 114 -9.77 -19.22 -26.23
CA LEU D 114 -9.82 -17.91 -26.85
C LEU D 114 -10.47 -17.96 -28.22
N ARG D 115 -10.27 -19.04 -28.96
CA ARG D 115 -10.97 -19.19 -30.23
C ARG D 115 -12.47 -19.23 -30.03
N GLN D 116 -12.95 -20.07 -29.11
CA GLN D 116 -14.38 -20.15 -28.87
C GLN D 116 -14.96 -18.78 -28.51
N ALA D 117 -14.25 -18.03 -27.68
CA ALA D 117 -14.75 -16.74 -27.25
C ALA D 117 -14.88 -15.77 -28.43
N PHE D 118 -13.77 -15.51 -29.13
CA PHE D 118 -13.77 -14.44 -30.14
C PHE D 118 -14.51 -14.84 -31.42
N GLU D 119 -14.33 -16.06 -31.89
CA GLU D 119 -14.93 -16.41 -33.17
C GLU D 119 -16.26 -17.13 -33.02
N GLN D 120 -16.37 -18.09 -32.09
CA GLN D 120 -17.65 -18.76 -31.89
C GLN D 120 -18.61 -17.87 -31.09
N TRP D 121 -18.20 -17.41 -29.91
CA TRP D 121 -19.02 -16.50 -29.10
C TRP D 121 -18.76 -15.02 -29.37
N GLU D 122 -17.99 -14.67 -30.41
CA GLU D 122 -17.90 -13.30 -30.93
C GLU D 122 -17.86 -12.26 -29.81
N MET D 123 -16.81 -12.34 -29.01
CA MET D 123 -16.70 -11.50 -27.84
C MET D 123 -15.75 -10.34 -28.07
N VAL D 124 -16.03 -9.24 -27.37
CA VAL D 124 -15.23 -8.03 -27.50
C VAL D 124 -14.09 -7.97 -26.49
N ARG D 125 -14.19 -8.68 -25.39
CA ARG D 125 -13.23 -8.59 -24.31
C ARG D 125 -13.12 -9.96 -23.67
N VAL D 126 -11.90 -10.42 -23.45
CA VAL D 126 -11.66 -11.60 -22.63
C VAL D 126 -10.58 -11.22 -21.61
N GLN D 127 -10.91 -11.33 -20.33
CA GLN D 127 -10.02 -10.88 -19.29
C GLN D 127 -9.48 -12.08 -18.53
N LEU D 128 -8.36 -11.88 -17.85
CA LEU D 128 -7.85 -12.87 -16.93
C LEU D 128 -7.14 -12.18 -15.79
N LYS D 129 -7.22 -12.76 -14.60
CA LYS D 129 -6.58 -12.17 -13.44
C LYS D 129 -6.00 -13.24 -12.52
N THR D 130 -4.84 -12.92 -11.96
CA THR D 130 -4.13 -13.80 -11.04
C THR D 130 -3.49 -12.97 -9.93
N ALA D 131 -2.96 -13.68 -8.92
CA ALA D 131 -2.37 -13.03 -7.75
C ALA D 131 -1.09 -12.31 -8.12
N ALA D 132 -0.88 -11.14 -7.51
CA ALA D 132 0.34 -10.39 -7.78
C ALA D 132 1.58 -11.14 -7.34
N SER D 133 1.43 -12.12 -6.43
CA SER D 133 2.54 -12.90 -5.90
C SER D 133 2.87 -14.11 -6.74
N ASN D 134 2.73 -14.03 -8.07
CA ASN D 134 2.63 -15.22 -8.89
C ASN D 134 2.93 -14.87 -10.35
N LEU D 135 4.22 -14.67 -10.69
CA LEU D 135 4.55 -14.54 -12.11
C LEU D 135 4.97 -15.86 -12.72
N ARG D 136 4.47 -16.98 -12.21
CA ARG D 136 4.25 -18.07 -13.14
C ARG D 136 3.08 -17.70 -14.03
N ALA D 137 1.89 -17.54 -13.44
CA ALA D 137 0.72 -17.10 -14.18
C ALA D 137 0.99 -15.83 -14.95
N GLN D 138 1.66 -14.84 -14.33
CA GLN D 138 1.87 -13.55 -15.00
C GLN D 138 2.82 -13.70 -16.18
N ARG D 139 3.81 -14.57 -16.08
CA ARG D 139 4.64 -14.83 -17.24
C ARG D 139 3.89 -15.66 -18.25
N ALA D 140 3.09 -16.63 -17.80
CA ALA D 140 2.28 -17.41 -18.71
C ALA D 140 1.27 -16.54 -19.45
N ILE D 141 0.60 -15.62 -18.73
CA ILE D 141 -0.31 -14.67 -19.39
C ILE D 141 0.47 -13.69 -20.27
N GLU D 142 1.63 -13.28 -19.90
CA GLU D 142 2.33 -12.35 -20.70
C GLU D 142 2.54 -12.86 -22.04
N LYS D 143 2.97 -14.09 -22.09
CA LYS D 143 3.31 -14.86 -23.27
C LYS D 143 2.26 -15.01 -24.30
N LEU D 144 1.01 -14.92 -23.88
CA LEU D 144 -0.15 -15.09 -24.73
C LEU D 144 -0.20 -13.96 -25.62
N GLY D 145 -0.26 -12.80 -24.98
CA GLY D 145 -0.23 -11.51 -25.60
C GLY D 145 -1.07 -10.54 -24.89
N ALA D 146 -1.64 -10.94 -23.79
CA ALA D 146 -2.61 -10.16 -23.05
C ALA D 146 -1.99 -8.88 -22.50
N ARG D 147 -2.70 -7.77 -22.66
CA ARG D 147 -2.23 -6.49 -22.17
C ARG D 147 -2.48 -6.41 -20.66
N ARG D 148 -1.44 -6.05 -19.89
CA ARG D 148 -1.59 -5.86 -18.46
C ARG D 148 -2.35 -4.56 -18.18
N GLU D 149 -3.56 -4.66 -17.64
CA GLU D 149 -4.39 -3.49 -17.52
C GLU D 149 -4.10 -2.69 -16.25
N GLY D 150 -3.68 -3.33 -15.17
CA GLY D 150 -3.37 -2.58 -13.97
C GLY D 150 -3.17 -3.48 -12.78
N GLN D 151 -3.16 -2.87 -11.60
CA GLN D 151 -2.98 -3.60 -10.35
C GLN D 151 -4.22 -3.43 -9.51
N LEU D 152 -4.77 -4.51 -9.02
CA LEU D 152 -5.95 -4.43 -8.15
C LEU D 152 -5.51 -4.67 -6.71
N ARG D 153 -5.38 -3.58 -5.97
CA ARG D 153 -4.89 -3.65 -4.60
C ARG D 153 -5.92 -4.33 -3.71
N ASN D 154 -5.45 -5.26 -2.89
CA ASN D 154 -6.28 -5.92 -1.89
C ASN D 154 -7.48 -6.61 -2.53
N HIS D 155 -7.20 -7.45 -3.51
CA HIS D 155 -8.26 -7.98 -4.36
C HIS D 155 -8.53 -9.46 -4.20
N ARG D 156 -7.81 -10.16 -3.32
CA ARG D 156 -7.91 -11.61 -3.25
C ARG D 156 -7.33 -12.09 -1.92
N ARG D 157 -7.65 -13.33 -1.59
CA ARG D 157 -7.03 -14.04 -0.48
C ARG D 157 -6.41 -15.31 -1.05
N LEU D 158 -5.10 -15.45 -0.85
CA LEU D 158 -4.36 -16.63 -1.31
C LEU D 158 -4.93 -17.88 -0.63
N ALA D 159 -4.38 -19.07 -0.93
CA ALA D 159 -5.00 -20.28 -0.38
C ALA D 159 -4.90 -20.38 1.13
N ASP D 160 -4.15 -19.50 1.80
CA ASP D 160 -4.14 -19.46 3.26
C ASP D 160 -5.03 -18.36 3.81
N GLY D 161 -5.67 -17.57 2.94
CA GLY D 161 -6.48 -16.46 3.35
C GLY D 161 -5.71 -15.17 3.58
N ARG D 162 -4.39 -15.15 3.38
CA ARG D 162 -3.68 -13.88 3.51
C ARG D 162 -3.98 -13.05 2.26
N LEU D 163 -4.15 -11.76 2.48
CA LEU D 163 -4.56 -10.84 1.43
C LEU D 163 -3.41 -10.55 0.49
N ASP D 164 -3.76 -10.24 -0.77
CA ASP D 164 -2.77 -9.99 -1.83
C ASP D 164 -3.47 -9.29 -2.98
N ASP D 165 -2.71 -8.52 -3.77
CA ASP D 165 -3.27 -7.80 -4.91
C ASP D 165 -3.54 -8.75 -6.07
N SER D 166 -4.00 -8.22 -7.19
CA SER D 166 -4.26 -9.02 -8.39
C SER D 166 -3.85 -8.21 -9.61
N ILE D 167 -3.77 -8.90 -10.75
CA ILE D 167 -3.31 -8.30 -11.99
C ILE D 167 -4.34 -8.54 -13.07
N LEU D 168 -4.78 -7.48 -13.74
CA LEU D 168 -5.84 -7.55 -14.74
C LEU D 168 -5.19 -7.51 -16.10
N TYR D 169 -5.48 -8.52 -16.91
CA TYR D 169 -5.07 -8.59 -18.31
C TYR D 169 -6.34 -8.80 -19.12
N SER D 170 -6.36 -8.30 -20.36
CA SER D 170 -7.49 -8.56 -21.26
C SER D 170 -7.01 -8.64 -22.69
N ILE D 171 -7.67 -9.47 -23.49
CA ILE D 171 -7.43 -9.54 -24.93
C ILE D 171 -8.63 -8.88 -25.61
N THR D 172 -8.40 -7.89 -26.46
CA THR D 172 -9.57 -7.43 -27.18
C THR D 172 -9.67 -8.11 -28.55
N ASP D 173 -10.89 -8.16 -29.08
CA ASP D 173 -11.10 -8.74 -30.40
C ASP D 173 -10.10 -8.17 -31.41
N ARG D 174 -9.96 -6.85 -31.47
CA ARG D 174 -8.99 -6.25 -32.38
C ARG D 174 -7.60 -6.85 -32.14
N ASP D 175 -7.29 -7.17 -30.88
CA ASP D 175 -6.03 -7.81 -30.51
C ASP D 175 -5.97 -9.29 -30.86
N TRP D 176 -7.12 -9.93 -31.08
CA TRP D 176 -7.16 -11.39 -31.20
C TRP D 176 -6.37 -11.95 -32.38
N PRO D 177 -6.51 -11.42 -33.61
CA PRO D 177 -5.79 -12.04 -34.74
C PRO D 177 -4.29 -12.21 -34.53
N GLU D 178 -3.64 -11.25 -33.86
CA GLU D 178 -2.22 -11.36 -33.52
C GLU D 178 -1.99 -12.40 -32.42
N ILE D 179 -2.88 -12.43 -31.42
CA ILE D 179 -2.76 -13.44 -30.39
C ILE D 179 -3.02 -14.82 -30.95
N ARG D 180 -3.97 -14.97 -31.87
CA ARG D 180 -4.14 -16.28 -32.50
C ARG D 180 -2.88 -16.67 -33.27
N ARG D 181 -2.44 -15.80 -34.19
CA ARG D 181 -1.30 -16.08 -35.05
C ARG D 181 -0.08 -16.47 -34.24
N THR D 182 0.30 -15.63 -33.26
CA THR D 182 1.49 -15.91 -32.47
C THR D 182 1.45 -17.30 -31.84
N LEU D 183 0.36 -17.62 -31.14
CA LEU D 183 0.19 -18.97 -30.60
C LEU D 183 0.40 -20.02 -31.67
N GLU D 184 -0.32 -19.89 -32.78
CA GLU D 184 -0.11 -20.76 -33.93
C GLU D 184 1.35 -20.80 -34.34
N THR D 185 2.00 -19.64 -34.43
CA THR D 185 3.42 -19.64 -34.76
C THR D 185 4.21 -20.38 -33.69
N GLU D 186 4.03 -19.98 -32.43
CA GLU D 186 4.67 -20.72 -31.35
C GLU D 186 4.29 -22.19 -31.38
N LEU D 187 2.99 -22.50 -31.52
CA LEU D 187 2.58 -23.91 -31.56
C LEU D 187 3.36 -24.67 -32.62
N SER D 188 3.81 -23.98 -33.68
CA SER D 188 4.61 -24.63 -34.73
C SER D 188 6.11 -24.31 -34.65
N1A COA E . 26.69 0.76 -11.31
C2A COA E . 25.49 0.22 -11.59
N3A COA E . 25.18 -1.00 -11.14
C4A COA E . 26.10 -1.69 -10.42
C5A COA E . 27.29 -1.18 -10.13
C6A COA E . 27.60 0.08 -10.59
N6A COA E . 28.65 1.03 -10.58
N7A COA E . 27.98 -2.09 -9.40
C8A COA E . 27.21 -3.17 -9.23
N9A COA E . 26.06 -2.91 -9.87
C1B COA E . 24.99 -3.82 -9.87
C2B COA E . 25.39 -5.07 -10.09
O2B COA E . 25.70 -5.28 -11.53
C3B COA E . 24.09 -5.76 -9.67
O3B COA E . 23.13 -5.48 -10.55
P3B COA E . 22.99 -6.36 -11.92
O7A COA E . 22.34 -7.65 -11.58
O8A COA E . 22.15 -5.53 -12.86
O9A COA E . 24.32 -6.65 -12.51
C4B COA E . 23.74 -5.03 -8.30
O4B COA E . 24.37 -3.89 -8.37
C5B COA E . 24.22 -5.79 -7.08
O5B COA E . 24.23 -7.16 -7.42
P1A COA E . 23.76 -8.20 -6.30
O1A COA E . 24.51 -9.48 -6.40
O2A COA E . 22.30 -8.38 -6.48
O3A COA E . 24.10 -7.61 -4.78
P2A COA E . 25.57 -7.94 -4.11
O4A COA E . 25.60 -9.38 -3.82
O5A COA E . 26.62 -7.57 -5.13
O6A COA E . 25.82 -7.03 -2.75
CBP COA E . 26.79 -5.69 -1.08
CCP COA E . 27.06 -6.36 -2.47
CDP COA E . 25.96 -4.39 -1.45
CEP COA E . 25.87 -6.74 -0.33
CAP COA E . 28.07 -5.47 -0.16
OAP COA E . 29.08 -6.20 -0.78
C9P COA E . 28.67 -4.06 0.21
O9P COA E . 29.84 -3.91 0.03
N8P COA E . 28.00 -2.82 0.86
C7P COA E . 26.54 -2.60 1.26
C6P COA E . 26.38 -1.36 2.21
C5P COA E . 24.86 -1.13 2.57
O5P COA E . 24.26 -0.29 2.06
N4P COA E . 24.21 -1.94 3.52
C3P COA E . 22.79 -1.74 3.83
C2P COA E . 21.97 -2.27 2.68
S1P COA E . 21.21 -3.84 3.13
N1A COA F . -7.08 22.01 8.19
C2A COA F . -6.73 23.23 8.65
N3A COA F . -5.81 23.99 8.10
C4A COA F . -5.19 23.58 7.05
C5A COA F . -5.51 22.29 6.44
C6A COA F . -6.53 21.49 7.10
N6A COA F . -6.86 20.32 6.60
N7A COA F . -4.79 22.10 5.36
C8A COA F . -4.06 23.24 5.32
N9A COA F . -4.26 24.13 6.32
C1B COA F . -3.58 25.48 6.47
C2B COA F . -4.14 26.44 7.50
O2B COA F . -5.17 27.25 7.00
C3B COA F . -3.00 27.35 7.84
O3B COA F . -2.97 28.59 7.11
P3B COA F . -2.41 28.79 5.63
O7A COA F . -1.99 27.49 5.15
O8A COA F . -3.46 29.24 4.75
O9A COA F . -1.48 29.89 5.75
C4B COA F . -1.79 26.47 7.61
O4B COA F . -2.20 25.40 6.78
C5B COA F . -1.25 25.96 8.93
O5B COA F . -0.13 26.72 9.31
P1A COA F . -0.05 27.07 10.82
O1A COA F . 1.35 27.13 11.19
O2A COA F . -0.95 28.20 11.01
O3A COA F . -0.59 25.85 11.60
P2A COA F . -0.14 25.74 13.06
O4A COA F . 1.27 25.45 13.09
O5A COA F . -0.58 27.01 13.54
O6A COA F . -0.75 24.52 13.91
CBP COA F . -0.46 22.14 14.72
CCP COA F . -0.90 23.11 13.63
CDP COA F . 1.04 22.26 14.71
CEP COA F . -0.79 22.60 16.07
CAP COA F . -1.27 20.78 14.80
OAP COA F . -2.12 20.63 13.66
C9P COA F . -0.77 19.31 15.06
O9P COA F . -1.60 18.49 15.40
N8P COA F . 0.51 18.94 14.94
C7P COA F . 1.05 17.62 14.63
C6P COA F . 2.54 17.67 14.95
C5P COA F . 3.44 16.74 14.19
O5P COA F . 3.34 15.54 14.23
N4P COA F . 4.37 17.31 13.54
C3P COA F . 5.59 17.46 14.25
C2P COA F . 6.64 18.11 13.38
S1P COA F . 6.75 19.80 13.93
N1A COA G . -11.57 21.78 -11.87
C2A COA G . -11.85 21.31 -10.71
N3A COA G . -12.63 20.33 -10.59
C4A COA G . -13.18 19.78 -11.64
C5A COA G . -12.97 20.22 -12.95
C6A COA G . -12.08 21.32 -12.99
N6A COA G . -11.77 21.84 -14.16
N7A COA G . -13.60 19.45 -13.81
C8A COA G . -14.23 18.56 -13.05
N9A COA G . -13.97 18.77 -11.77
C1B COA G . -14.45 18.07 -10.61
C2B COA G . -15.44 18.83 -9.77
O2B COA G . -14.92 19.85 -8.92
C3B COA G . -16.23 17.81 -9.03
O3B COA G . -15.48 16.80 -8.48
P3B COA G . -15.38 16.37 -6.97
O7A COA G . -15.53 14.93 -6.94
O8A COA G . -14.04 16.89 -6.52
O9A COA G . -16.56 17.04 -6.46
C4B COA G . -16.48 17.07 -10.23
O4B COA G . -15.35 17.15 -11.04
C5B COA G . -17.73 17.56 -10.90
O5B COA G . -18.73 17.50 -9.96
P1A COA G . -19.13 16.22 -9.30
O1A COA G . -20.14 16.60 -8.44
O2A COA G . -18.04 15.60 -8.65
O3A COA G . -19.84 15.34 -10.38
P2A COA G . -20.51 13.87 -10.29
O4A COA G . -21.22 13.44 -9.06
O5A COA G . -19.60 12.87 -10.78
O6A COA G . -21.65 13.98 -11.33
CBP COA G . -22.41 13.08 -13.42
CCP COA G . -21.33 13.85 -12.67
CDP COA G . -23.35 12.28 -12.56
CEP COA G . -23.26 14.01 -14.20
CAP COA G . -21.89 12.29 -14.55
OAP COA G . -20.86 13.05 -15.18
C9P COA G . -21.57 10.86 -14.27
O9P COA G . -21.67 10.17 -15.21
N8P COA G . -21.22 10.41 -13.11
C7P COA G . -21.03 8.99 -12.87
C6P COA G . -19.60 8.54 -12.55
C5P COA G . -19.55 7.22 -11.91
O5P COA G . -20.32 6.46 -12.30
N4P COA G . -18.70 6.91 -10.99
C3P COA G . -19.16 6.96 -9.65
C2P COA G . -18.13 7.53 -8.70
S1P COA G . -18.54 9.03 -7.79
N1A COA H . 8.74 -17.15 -11.16
C2A COA H . 8.75 -16.41 -12.27
N3A COA H . 8.58 -17.01 -13.46
C4A COA H . 8.42 -18.35 -13.52
C5A COA H . 8.41 -19.09 -12.41
C6A COA H . 8.57 -18.49 -11.21
N6A COA H . 8.65 -18.79 -9.82
N7A COA H . 8.23 -20.38 -12.75
C8A COA H . 8.13 -20.43 -14.10
N9A COA H . 8.25 -19.18 -14.57
C1B COA H . 8.16 -18.90 -15.95
C2B COA H . 8.63 -19.93 -16.64
O2B COA H . 10.09 -19.73 -16.80
C3B COA H . 7.94 -19.74 -17.99
O3B COA H . 8.57 -18.77 -18.65
P3B COA H . 9.40 -19.22 -19.98
O7A COA H . 8.50 -20.09 -20.80
O8A COA H . 9.83 -17.99 -20.72
O9A COA H . 10.61 -19.99 -19.61
C4B COA H . 6.48 -19.31 -17.58
O4B COA H . 6.60 -18.73 -16.41
C5B COA H . 5.58 -20.52 -17.42
O5B COA H . 5.75 -21.39 -18.52
P1A COA H . 4.40 -21.76 -19.30
O1A COA H . 4.50 -23.08 -19.98
O2A COA H . 4.25 -20.65 -20.27
O3A COA H . 3.28 -21.80 -18.08
P2A COA H . 2.34 -23.10 -17.68
O4A COA H . 1.00 -22.62 -18.06
O5A COA H . 2.72 -24.32 -18.54
O6A COA H . 2.24 -23.53 -16.07
CBP COA H . 0.03 -22.74 -14.80
CCP COA H . 1.62 -22.77 -14.98
CDP COA H . -0.43 -21.26 -15.07
CEP COA H . -0.71 -23.62 -15.90
CAP COA H . -0.46 -23.35 -13.41
OAP COA H . 0.55 -24.20 -13.04
C9P COA H . -0.87 -22.51 -12.15
O9P COA H . -0.41 -22.86 -11.08
N8P COA H . -1.89 -21.35 -12.25
C7P COA H . -2.43 -20.41 -11.14
C6P COA H . -3.93 -20.09 -11.46
C5P COA H . -4.46 -18.63 -11.87
O5P COA H . -4.78 -17.84 -11.10
N4P COA H . -4.62 -18.27 -13.21
C3P COA H . -5.11 -16.95 -13.61
C2P COA H . -5.21 -16.82 -15.14
S1P COA H . -5.47 -18.34 -16.08
#